data_6Z1G
#
_entry.id   6Z1G
#
_cell.length_a   1.00
_cell.length_b   1.00
_cell.length_c   1.00
_cell.angle_alpha   90.00
_cell.angle_beta   90.00
_cell.angle_gamma   90.00
#
_symmetry.space_group_name_H-M   'P 1'
#
loop_
_entity.id
_entity.type
_entity.pdbx_description
1 polymer 'Ribulose bisphosphate carboxylase/oxygenase activase'
2 polymer 'Ribulose bisphosphate carboxylase large chain'
3 polymer 'Ribulose bisphosphate carboxylase small chain'
#
loop_
_entity_poly.entity_id
_entity_poly.type
_entity_poly.pdbx_seq_one_letter_code
_entity_poly.pdbx_strand_id
1 'polypeptide(L)'
;HLSLETQEQIRQILSQGHKITFEHVDARRFRTGSWQSCGTLHIDAESDAISTLEACLVDYDGEYVRMVGIDPKGKRRVVE
TIIQRPNGKN
;
A
2 'polypeptide(L)'
;MSYAQTKTQTKSGYKAGVQDYRLTYYTPDYTPKDTDILAAFRVTPQPGVPFEEAAAAVAAESSTGTWTTVWTDLLTDLDR
YKGRCYDIEPVPGEDNQFIAYIAYPLDLFEEGSITNVLTSIVGNVFGFKALRALRLEDIRFPVAYIKTFQGPPHGIQVER
DKLNKYGRPLLGCTIKPKLGLSAKNYGRAVYECLRGGLDFTKDDENINSAPFQRWRDRFLFVADAITKAQAETGEIKGHY
LNVTAPTCEEMLKRAEYAKELKQPIIMHDYLTAGFTANTTLARWCRDNGVLLHIHRAMHAVIDRQKNHGIHFRVLAKALR
LSGGDHIHTGTVVGKLEGERGITMGFVDLLRENYVEQDKSRGIYFTQDWASLPGVMAVASGGIHVWHMPALVEIFGDDSV
LQFGGGTLGHPWGNAPGATANRVALEACVQARNEGRNLAREGNDVIREAAKWSPELAVACELWKEIKFEFEAMDTV
;
B,C
3 'polypeptide(L)'
;MQTLPKERRYETLSYLPPLTDVQIEKQVQYILSQGYIPAVEFNEVSEPTELYWTLWKLPLFGAKTSREVLAEVQSCRSQY
PGHYIRVVGFDNIKQCQILSFIVHKPSRY
;
D,E
#
# COMPACT_ATOMS: atom_id res chain seq x y z
N LEU A 2 -32.95 -13.49 19.26
CA LEU A 2 -33.12 -14.28 17.99
C LEU A 2 -34.23 -13.65 17.15
N SER A 3 -33.87 -12.69 16.29
CA SER A 3 -34.78 -11.90 15.42
C SER A 3 -35.06 -12.68 14.12
N LEU A 4 -35.93 -12.14 13.27
CA LEU A 4 -36.29 -12.72 11.94
C LEU A 4 -35.13 -12.51 10.96
N GLU A 5 -34.38 -11.41 11.11
CA GLU A 5 -33.15 -11.12 10.31
C GLU A 5 -32.08 -12.16 10.64
N THR A 6 -32.01 -12.59 11.90
CA THR A 6 -30.98 -13.52 12.45
C THR A 6 -31.13 -14.91 11.80
N GLN A 7 -32.35 -15.47 11.77
CA GLN A 7 -32.61 -16.88 11.35
C GLN A 7 -32.62 -17.00 9.82
N GLU A 8 -32.94 -15.92 9.09
CA GLU A 8 -32.92 -15.89 7.61
C GLU A 8 -31.47 -15.92 7.13
N GLN A 9 -30.60 -15.13 7.78
CA GLN A 9 -29.13 -15.10 7.55
C GLN A 9 -28.52 -16.44 7.97
N ILE A 10 -28.97 -17.00 9.11
CA ILE A 10 -28.60 -18.38 9.55
C ILE A 10 -28.95 -19.36 8.43
N ARG A 11 -30.16 -19.24 7.87
CA ARG A 11 -30.68 -20.14 6.80
C ARG A 11 -29.99 -19.83 5.47
N GLN A 12 -29.71 -18.55 5.19
CA GLN A 12 -28.97 -18.11 3.97
C GLN A 12 -27.53 -18.63 4.01
N ILE A 13 -26.89 -18.60 5.18
CA ILE A 13 -25.49 -19.09 5.37
C ILE A 13 -25.47 -20.61 5.14
N LEU A 14 -26.39 -21.36 5.76
CA LEU A 14 -26.39 -22.84 5.75
C LEU A 14 -27.03 -23.38 4.47
N SER A 15 -27.71 -22.53 3.70
CA SER A 15 -28.26 -22.87 2.35
C SER A 15 -27.17 -22.76 1.27
N GLN A 16 -26.00 -22.20 1.62
CA GLN A 16 -24.83 -22.04 0.72
C GLN A 16 -23.87 -23.23 0.88
N GLY A 17 -24.09 -24.08 1.90
CA GLY A 17 -23.16 -25.16 2.30
C GLY A 17 -22.10 -24.64 3.25
N HIS A 18 -22.15 -23.33 3.58
CA HIS A 18 -21.21 -22.65 4.50
C HIS A 18 -21.49 -23.10 5.94
N LYS A 19 -20.50 -22.94 6.81
CA LYS A 19 -20.59 -23.23 8.26
C LYS A 19 -20.68 -21.90 9.02
N ILE A 20 -21.47 -21.86 10.10
CA ILE A 20 -21.64 -20.65 10.94
C ILE A 20 -20.64 -20.70 12.11
N THR A 21 -20.00 -19.57 12.37
CA THR A 21 -19.23 -19.28 13.61
C THR A 21 -19.80 -17.99 14.21
N PHE A 22 -20.13 -17.98 15.51
CA PHE A 22 -20.58 -16.77 16.24
C PHE A 22 -19.43 -16.27 17.11
N GLU A 23 -19.24 -14.95 17.14
CA GLU A 23 -18.12 -14.28 17.85
C GLU A 23 -18.66 -13.11 18.66
N HIS A 24 -18.12 -12.92 19.87
CA HIS A 24 -18.47 -11.85 20.84
C HIS A 24 -17.30 -10.86 20.94
N VAL A 25 -17.55 -9.68 21.49
CA VAL A 25 -16.48 -8.72 21.92
C VAL A 25 -17.08 -7.71 22.88
N ASP A 26 -16.39 -7.44 23.99
CA ASP A 26 -16.70 -6.30 24.90
C ASP A 26 -16.30 -5.00 24.18
N ALA A 27 -16.75 -3.86 24.70
CA ALA A 27 -16.69 -2.54 24.02
C ALA A 27 -15.24 -2.09 23.79
N ARG A 28 -14.32 -2.47 24.68
CA ARG A 28 -12.92 -1.96 24.72
C ARG A 28 -12.10 -2.52 23.56
N ARG A 29 -12.20 -3.84 23.31
CA ARG A 29 -11.37 -4.57 22.31
C ARG A 29 -12.01 -4.45 20.92
N PHE A 30 -13.23 -3.91 20.83
CA PHE A 30 -13.97 -3.63 19.57
C PHE A 30 -13.25 -2.53 18.78
N ARG A 31 -12.59 -1.60 19.49
CA ARG A 31 -11.74 -0.53 18.92
C ARG A 31 -10.81 -1.08 17.84
N THR A 32 -10.14 -2.19 18.16
CA THR A 32 -9.00 -2.77 17.43
C THR A 32 -9.49 -3.96 16.59
N GLY A 33 -10.81 -4.18 16.56
CA GLY A 33 -11.47 -5.29 15.84
C GLY A 33 -10.93 -6.65 16.25
N SER A 34 -10.80 -6.87 17.57
CA SER A 34 -10.25 -8.12 18.18
C SER A 34 -11.38 -8.94 18.79
N TRP A 35 -12.13 -9.66 17.95
CA TRP A 35 -13.24 -10.58 18.35
C TRP A 35 -12.66 -11.98 18.65
N GLN A 36 -13.45 -12.83 19.31
CA GLN A 36 -13.10 -14.25 19.66
C GLN A 36 -14.31 -15.17 19.40
N SER A 37 -14.04 -16.46 19.19
CA SER A 37 -15.04 -17.55 19.03
C SER A 37 -15.66 -17.89 20.39
N CYS A 38 -16.97 -18.15 20.41
CA CYS A 38 -17.73 -18.64 21.59
C CYS A 38 -18.66 -19.78 21.17
N GLY A 39 -18.67 -20.87 21.95
CA GLY A 39 -19.41 -22.11 21.64
C GLY A 39 -18.67 -22.96 20.63
N THR A 40 -19.41 -23.59 19.71
CA THR A 40 -18.91 -24.60 18.74
C THR A 40 -18.75 -23.95 17.37
N LEU A 41 -17.58 -24.11 16.73
CA LEU A 41 -17.24 -23.48 15.42
C LEU A 41 -17.65 -24.40 14.27
N HIS A 42 -17.68 -23.84 13.05
CA HIS A 42 -18.09 -24.48 11.78
C HIS A 42 -19.44 -25.19 11.97
N ILE A 43 -20.49 -24.42 12.26
CA ILE A 43 -21.89 -24.91 12.47
C ILE A 43 -22.54 -25.10 11.09
N ASP A 44 -23.17 -26.26 10.85
CA ASP A 44 -23.67 -26.68 9.52
C ASP A 44 -25.18 -26.98 9.56
N ALA A 45 -25.90 -26.53 10.58
CA ALA A 45 -27.37 -26.71 10.70
C ALA A 45 -27.97 -25.60 11.57
N GLU A 46 -29.27 -25.33 11.37
CA GLU A 46 -29.99 -24.13 11.86
C GLU A 46 -30.21 -24.20 13.38
N SER A 47 -30.44 -25.41 13.93
CA SER A 47 -30.83 -25.60 15.36
C SER A 47 -29.62 -25.51 16.27
N ASP A 48 -28.44 -25.98 15.81
CA ASP A 48 -27.14 -25.77 16.50
C ASP A 48 -26.81 -24.27 16.51
N ALA A 49 -27.25 -23.54 15.48
CA ALA A 49 -26.99 -22.09 15.29
C ALA A 49 -27.85 -21.27 16.26
N ILE A 50 -29.12 -21.63 16.44
CA ILE A 50 -30.10 -20.87 17.30
C ILE A 50 -29.84 -21.22 18.78
N SER A 51 -29.32 -22.42 19.08
CA SER A 51 -29.07 -22.90 20.47
C SER A 51 -27.84 -22.21 21.05
N THR A 52 -26.72 -22.16 20.32
CA THR A 52 -25.45 -21.54 20.77
C THR A 52 -25.50 -20.03 20.54
N LEU A 53 -26.47 -19.53 19.76
CA LEU A 53 -26.78 -18.08 19.65
C LEU A 53 -27.42 -17.62 20.98
N GLU A 54 -28.36 -18.39 21.53
CA GLU A 54 -29.03 -18.09 22.83
C GLU A 54 -28.07 -18.41 23.99
N ALA A 55 -27.09 -19.29 23.77
CA ALA A 55 -26.01 -19.58 24.74
C ALA A 55 -25.09 -18.36 24.85
N CYS A 56 -24.77 -17.71 23.72
CA CYS A 56 -23.75 -16.62 23.63
C CYS A 56 -24.39 -15.23 23.83
N LEU A 57 -25.67 -15.05 23.48
CA LEU A 57 -26.43 -13.80 23.82
C LEU A 57 -26.45 -13.65 25.34
N VAL A 58 -26.56 -14.76 26.06
CA VAL A 58 -26.69 -14.82 27.55
C VAL A 58 -25.29 -14.92 28.19
N ASP A 59 -24.37 -15.69 27.61
CA ASP A 59 -23.00 -15.91 28.15
C ASP A 59 -22.20 -14.60 28.12
N TYR A 60 -22.40 -13.77 27.09
CA TYR A 60 -21.69 -12.47 26.91
C TYR A 60 -22.71 -11.36 26.62
N ASP A 61 -23.69 -11.19 27.52
CA ASP A 61 -24.66 -10.06 27.50
C ASP A 61 -23.95 -8.81 28.01
N GLY A 62 -24.06 -7.70 27.26
CA GLY A 62 -23.29 -6.45 27.49
C GLY A 62 -22.04 -6.41 26.64
N GLU A 63 -21.85 -7.43 25.78
CA GLU A 63 -20.80 -7.47 24.74
C GLU A 63 -21.48 -7.47 23.37
N TYR A 64 -20.72 -7.11 22.33
CA TYR A 64 -21.08 -7.38 20.92
C TYR A 64 -21.09 -8.90 20.72
N VAL A 65 -22.02 -9.39 19.89
CA VAL A 65 -22.03 -10.79 19.37
C VAL A 65 -22.38 -10.71 17.88
N ARG A 66 -21.73 -11.53 17.05
CA ARG A 66 -21.90 -11.52 15.58
C ARG A 66 -21.84 -12.95 15.05
N MET A 67 -22.47 -13.17 13.89
CA MET A 67 -22.53 -14.49 13.19
C MET A 67 -21.65 -14.44 11.95
N VAL A 68 -20.87 -15.50 11.73
CA VAL A 68 -19.93 -15.66 10.57
C VAL A 68 -20.44 -16.79 9.68
N GLY A 69 -20.50 -16.57 8.37
CA GLY A 69 -20.69 -17.62 7.35
C GLY A 69 -19.36 -18.03 6.75
N ILE A 70 -18.92 -19.25 7.04
CA ILE A 70 -17.57 -19.79 6.65
C ILE A 70 -17.75 -20.85 5.56
N ASP A 71 -17.15 -20.61 4.38
CA ASP A 71 -17.00 -21.62 3.29
C ASP A 71 -15.98 -22.66 3.77
N PRO A 72 -16.38 -23.93 4.04
CA PRO A 72 -15.46 -24.92 4.58
C PRO A 72 -14.21 -25.21 3.71
N LYS A 73 -14.22 -24.78 2.45
CA LYS A 73 -13.04 -24.88 1.52
C LYS A 73 -11.95 -23.90 1.96
N GLY A 74 -10.99 -24.38 2.77
CA GLY A 74 -9.84 -23.60 3.26
C GLY A 74 -10.18 -22.74 4.45
N LYS A 75 -11.46 -22.69 4.84
CA LYS A 75 -12.02 -21.82 5.91
C LYS A 75 -11.84 -20.36 5.46
N ARG A 76 -12.64 -19.93 4.49
CA ARG A 76 -12.65 -18.56 3.90
C ARG A 76 -13.86 -17.79 4.46
N ARG A 77 -13.66 -16.55 4.93
CA ARG A 77 -14.72 -15.71 5.55
C ARG A 77 -15.52 -15.02 4.45
N VAL A 78 -16.80 -15.40 4.30
CA VAL A 78 -17.73 -14.91 3.23
C VAL A 78 -18.51 -13.70 3.77
N VAL A 79 -19.30 -13.89 4.82
CA VAL A 79 -20.30 -12.88 5.30
C VAL A 79 -20.20 -12.70 6.83
N GLU A 80 -20.18 -11.44 7.26
CA GLU A 80 -20.02 -10.98 8.66
C GLU A 80 -21.18 -10.02 8.97
N THR A 81 -21.89 -10.24 10.08
CA THR A 81 -23.07 -9.43 10.50
C THR A 81 -23.18 -9.39 12.03
N ILE A 82 -23.22 -8.19 12.61
CA ILE A 82 -23.37 -7.95 14.08
C ILE A 82 -24.84 -8.13 14.46
N ILE A 83 -25.12 -9.08 15.36
CA ILE A 83 -26.49 -9.40 15.87
C ILE A 83 -26.74 -8.57 17.13
N GLN A 84 -25.90 -8.76 18.15
CA GLN A 84 -26.02 -8.14 19.49
C GLN A 84 -24.96 -7.05 19.65
N ARG A 85 -25.34 -5.90 20.19
CA ARG A 85 -24.44 -4.78 20.58
C ARG A 85 -24.57 -4.55 22.08
N PRO A 86 -23.52 -4.06 22.78
CA PRO A 86 -23.63 -3.71 24.20
C PRO A 86 -24.74 -2.67 24.45
N ASN A 87 -25.24 -2.64 25.68
CA ASN A 87 -26.38 -1.80 26.11
C ASN A 87 -25.95 -0.34 26.12
N THR B 24 -26.75 4.11 -18.98
CA THR B 24 -25.56 3.19 -18.93
C THR B 24 -24.57 3.62 -17.84
N TYR B 25 -25.02 4.45 -16.90
CA TYR B 25 -24.23 4.98 -15.75
C TYR B 25 -24.98 4.67 -14.45
N TYR B 26 -26.32 4.66 -14.54
CA TYR B 26 -27.24 4.31 -13.44
C TYR B 26 -27.56 2.81 -13.51
N THR B 27 -27.00 2.04 -12.57
CA THR B 27 -27.15 0.57 -12.45
C THR B 27 -27.38 0.21 -10.98
N PRO B 28 -28.65 0.04 -10.55
CA PRO B 28 -28.99 -0.17 -9.14
C PRO B 28 -28.62 -1.56 -8.60
N ASP B 29 -28.53 -2.55 -9.50
CA ASP B 29 -28.36 -3.99 -9.18
C ASP B 29 -26.94 -4.25 -8.65
N TYR B 30 -26.01 -3.34 -8.92
CA TYR B 30 -24.56 -3.43 -8.61
C TYR B 30 -24.35 -3.55 -7.09
N THR B 31 -23.54 -4.53 -6.66
CA THR B 31 -23.13 -4.77 -5.26
C THR B 31 -21.66 -4.37 -5.10
N PRO B 32 -21.34 -3.35 -4.27
CA PRO B 32 -19.96 -2.87 -4.10
C PRO B 32 -18.95 -3.93 -3.64
N LYS B 33 -17.76 -3.92 -4.25
CA LYS B 33 -16.58 -4.76 -3.87
C LYS B 33 -15.88 -4.12 -2.67
N ASP B 34 -14.86 -4.80 -2.13
CA ASP B 34 -14.09 -4.36 -0.93
C ASP B 34 -12.98 -3.39 -1.36
N THR B 35 -12.30 -3.69 -2.47
CA THR B 35 -11.25 -2.81 -3.09
C THR B 35 -11.96 -1.81 -4.01
N ASP B 36 -12.70 -0.87 -3.42
CA ASP B 36 -13.49 0.16 -4.13
C ASP B 36 -13.69 1.36 -3.21
N ILE B 37 -13.59 2.58 -3.75
CA ILE B 37 -13.81 3.85 -3.01
C ILE B 37 -15.25 4.31 -3.28
N LEU B 38 -16.00 4.54 -2.20
CA LEU B 38 -17.46 4.82 -2.20
C LEU B 38 -17.67 6.23 -1.64
N ALA B 39 -18.66 6.96 -2.17
CA ALA B 39 -18.90 8.39 -1.86
C ALA B 39 -20.41 8.64 -1.67
N ALA B 40 -20.74 9.55 -0.74
CA ALA B 40 -22.12 9.98 -0.41
C ALA B 40 -22.29 11.46 -0.76
N PHE B 41 -23.14 11.76 -1.73
CA PHE B 41 -23.45 13.12 -2.24
C PHE B 41 -24.88 13.50 -1.87
N ARG B 42 -25.07 14.72 -1.35
CA ARG B 42 -26.41 15.34 -1.11
C ARG B 42 -26.72 16.24 -2.31
N VAL B 43 -27.68 15.82 -3.16
CA VAL B 43 -27.94 16.41 -4.50
C VAL B 43 -29.24 17.22 -4.45
N THR B 44 -29.23 18.41 -5.06
CA THR B 44 -30.41 19.29 -5.28
C THR B 44 -30.50 19.59 -6.77
N PRO B 45 -31.36 18.87 -7.54
CA PRO B 45 -31.44 19.07 -8.99
C PRO B 45 -32.21 20.33 -9.34
N GLN B 46 -32.05 20.81 -10.58
CA GLN B 46 -32.93 21.85 -11.19
C GLN B 46 -34.30 21.23 -11.39
N PRO B 47 -35.41 21.97 -11.13
CA PRO B 47 -36.76 21.43 -11.33
C PRO B 47 -37.02 20.98 -12.79
N GLY B 48 -37.67 19.83 -12.95
CA GLY B 48 -37.93 19.19 -14.26
C GLY B 48 -36.84 18.19 -14.63
N VAL B 49 -35.95 17.87 -13.68
CA VAL B 49 -34.82 16.91 -13.84
C VAL B 49 -35.14 15.68 -13.01
N PRO B 50 -35.25 14.47 -13.62
CA PRO B 50 -35.52 13.25 -12.86
C PRO B 50 -34.39 12.93 -11.86
N PHE B 51 -34.67 12.04 -10.91
CA PHE B 51 -33.74 11.63 -9.82
C PHE B 51 -32.66 10.68 -10.38
N GLU B 52 -32.88 10.09 -11.55
CA GLU B 52 -31.99 9.05 -12.15
C GLU B 52 -30.90 9.72 -13.03
N GLU B 53 -31.24 10.77 -13.77
CA GLU B 53 -30.35 11.37 -14.81
C GLU B 53 -29.30 12.27 -14.14
N ALA B 54 -29.66 13.01 -13.08
CA ALA B 54 -28.74 13.91 -12.34
C ALA B 54 -27.76 13.09 -11.49
N ALA B 55 -28.12 11.86 -11.14
CA ALA B 55 -27.28 10.90 -10.37
C ALA B 55 -26.27 10.22 -11.31
N ALA B 56 -26.70 9.89 -12.53
CA ALA B 56 -25.87 9.27 -13.60
C ALA B 56 -24.89 10.30 -14.17
N ALA B 57 -25.17 11.60 -13.99
CA ALA B 57 -24.40 12.72 -14.58
C ALA B 57 -23.18 13.06 -13.70
N VAL B 58 -23.29 12.97 -12.37
CA VAL B 58 -22.17 13.23 -11.42
C VAL B 58 -21.32 11.96 -11.30
N ALA B 59 -21.92 10.78 -11.50
CA ALA B 59 -21.23 9.47 -11.56
C ALA B 59 -20.37 9.39 -12.83
N ALA B 60 -20.79 10.07 -13.90
CA ALA B 60 -20.12 10.07 -15.22
C ALA B 60 -19.04 11.17 -15.27
N GLU B 61 -19.39 12.41 -14.93
CA GLU B 61 -18.55 13.62 -15.18
C GLU B 61 -17.29 13.61 -14.30
N SER B 62 -17.27 12.82 -13.22
CA SER B 62 -16.09 12.66 -12.33
C SER B 62 -15.09 11.67 -12.93
N SER B 63 -15.55 10.64 -13.67
CA SER B 63 -14.70 9.53 -14.17
C SER B 63 -15.18 9.01 -15.52
N THR B 64 -14.31 9.06 -16.54
CA THR B 64 -14.55 8.63 -17.95
C THR B 64 -15.96 9.06 -18.38
N GLY B 65 -16.25 10.36 -18.30
CA GLY B 65 -17.55 10.96 -18.70
C GLY B 65 -17.36 12.01 -19.77
N THR B 66 -18.19 11.94 -20.82
CA THR B 66 -18.21 12.93 -21.94
C THR B 66 -19.67 13.11 -22.41
N TRP B 67 -20.01 14.34 -22.79
CA TRP B 67 -21.38 14.78 -23.16
C TRP B 67 -21.87 14.05 -24.43
N THR B 68 -20.96 13.59 -25.29
CA THR B 68 -21.27 12.88 -26.56
C THR B 68 -20.61 11.50 -26.57
N THR B 69 -21.12 10.62 -27.45
CA THR B 69 -20.49 9.30 -27.79
C THR B 69 -19.33 9.56 -28.75
N VAL B 70 -18.10 9.19 -28.35
CA VAL B 70 -16.87 9.31 -29.18
C VAL B 70 -16.42 7.89 -29.56
N TRP B 71 -15.68 7.77 -30.66
CA TRP B 71 -15.30 6.49 -31.32
C TRP B 71 -14.19 5.79 -30.54
N THR B 72 -13.36 6.55 -29.81
CA THR B 72 -12.15 6.05 -29.10
C THR B 72 -12.56 5.17 -27.90
N ASP B 73 -13.84 5.19 -27.52
CA ASP B 73 -14.40 4.42 -26.37
C ASP B 73 -14.51 2.93 -26.71
N LEU B 74 -14.43 2.55 -27.99
CA LEU B 74 -14.59 1.15 -28.46
C LEU B 74 -13.23 0.41 -28.50
N LEU B 75 -12.12 1.11 -28.19
CA LEU B 75 -10.76 0.49 -28.11
C LEU B 75 -10.41 0.15 -26.65
N THR B 76 -10.84 0.97 -25.70
CA THR B 76 -10.62 0.74 -24.23
C THR B 76 -11.89 0.13 -23.64
N ASP B 77 -11.75 -0.64 -22.55
CA ASP B 77 -12.87 -1.37 -21.89
C ASP B 77 -13.53 -0.45 -20.86
N LEU B 78 -14.64 0.18 -21.25
CA LEU B 78 -15.33 1.26 -20.49
C LEU B 78 -16.04 0.68 -19.25
N ASP B 79 -16.54 -0.55 -19.37
CA ASP B 79 -17.37 -1.24 -18.34
C ASP B 79 -16.57 -1.40 -17.03
N ARG B 80 -15.27 -1.66 -17.15
CA ARG B 80 -14.36 -2.04 -16.03
C ARG B 80 -13.98 -0.79 -15.21
N TYR B 81 -13.73 0.33 -15.89
CA TYR B 81 -13.14 1.56 -15.31
C TYR B 81 -14.22 2.51 -14.78
N LYS B 82 -15.45 2.42 -15.29
CA LYS B 82 -16.50 3.44 -15.07
C LYS B 82 -16.99 3.38 -13.62
N GLY B 83 -17.16 4.55 -13.00
CA GLY B 83 -17.91 4.74 -11.74
C GLY B 83 -19.39 4.78 -12.04
N ARG B 84 -20.21 4.21 -11.15
CA ARG B 84 -21.67 3.99 -11.37
C ARG B 84 -22.43 4.18 -10.06
N CYS B 85 -23.65 4.72 -10.14
CA CYS B 85 -24.57 4.93 -8.99
C CYS B 85 -25.41 3.66 -8.80
N TYR B 86 -25.33 3.04 -7.62
CA TYR B 86 -25.93 1.73 -7.28
C TYR B 86 -27.13 1.90 -6.32
N ASP B 87 -27.23 3.03 -5.62
CA ASP B 87 -28.31 3.25 -4.62
C ASP B 87 -28.67 4.73 -4.56
N ILE B 88 -29.98 5.01 -4.56
CA ILE B 88 -30.59 6.36 -4.38
C ILE B 88 -31.48 6.30 -3.14
N GLU B 89 -31.28 7.22 -2.19
CA GLU B 89 -32.10 7.35 -0.97
C GLU B 89 -32.66 8.76 -0.89
N PRO B 90 -34.00 8.94 -0.92
CA PRO B 90 -34.59 10.28 -0.79
C PRO B 90 -34.43 10.81 0.64
N VAL B 91 -34.04 12.08 0.77
CA VAL B 91 -33.84 12.77 2.08
C VAL B 91 -35.22 13.02 2.69
N PRO B 92 -35.49 12.56 3.94
CA PRO B 92 -36.78 12.79 4.58
C PRO B 92 -37.12 14.27 4.81
N GLY B 93 -38.32 14.69 4.42
CA GLY B 93 -38.87 16.03 4.64
C GLY B 93 -38.24 17.07 3.71
N GLU B 94 -37.79 16.65 2.53
CA GLU B 94 -37.07 17.50 1.54
C GLU B 94 -37.49 17.11 0.12
N ASP B 95 -37.90 18.10 -0.69
CA ASP B 95 -38.35 17.93 -2.09
C ASP B 95 -37.17 18.22 -3.03
N ASN B 96 -36.96 17.36 -4.05
CA ASN B 96 -35.78 17.39 -4.95
C ASN B 96 -34.52 17.47 -4.08
N GLN B 97 -34.39 16.54 -3.13
CA GLN B 97 -33.21 16.36 -2.26
C GLN B 97 -33.11 14.88 -1.88
N PHE B 98 -32.01 14.22 -2.26
CA PHE B 98 -31.80 12.76 -2.12
C PHE B 98 -30.31 12.46 -2.03
N ILE B 99 -29.95 11.34 -1.40
CA ILE B 99 -28.55 10.88 -1.19
C ILE B 99 -28.19 9.89 -2.28
N ALA B 100 -27.07 10.13 -2.98
CA ALA B 100 -26.56 9.31 -4.10
C ALA B 100 -25.32 8.54 -3.66
N TYR B 101 -25.26 7.24 -4.01
CA TYR B 101 -24.16 6.31 -3.66
C TYR B 101 -23.49 5.81 -4.96
N ILE B 102 -22.26 6.25 -5.20
CA ILE B 102 -21.48 5.93 -6.44
C ILE B 102 -20.22 5.15 -6.06
N ALA B 103 -19.90 4.12 -6.83
CA ALA B 103 -18.75 3.20 -6.63
C ALA B 103 -17.73 3.39 -7.76
N TYR B 104 -16.45 3.57 -7.41
CA TYR B 104 -15.33 3.80 -8.35
C TYR B 104 -14.31 2.68 -8.24
N PRO B 105 -14.06 1.90 -9.31
CA PRO B 105 -12.96 0.92 -9.33
C PRO B 105 -11.63 1.51 -8.84
N LEU B 106 -10.80 0.65 -8.23
CA LEU B 106 -9.60 1.04 -7.42
C LEU B 106 -8.44 1.47 -8.32
N ASP B 107 -8.38 0.94 -9.54
CA ASP B 107 -7.19 0.98 -10.43
C ASP B 107 -6.90 2.39 -10.94
N LEU B 108 -7.93 3.22 -11.16
CA LEU B 108 -7.85 4.46 -11.98
C LEU B 108 -7.20 5.62 -11.22
N PHE B 109 -6.97 5.48 -9.91
CA PHE B 109 -6.28 6.51 -9.07
C PHE B 109 -4.79 6.17 -8.95
N GLU B 110 -3.95 7.20 -8.85
CA GLU B 110 -2.49 7.09 -8.65
C GLU B 110 -2.21 6.89 -7.16
N GLU B 111 -1.07 6.28 -6.84
CA GLU B 111 -0.78 5.63 -5.53
C GLU B 111 -0.02 6.60 -4.62
N GLY B 112 -0.56 6.85 -3.42
CA GLY B 112 0.02 7.72 -2.37
C GLY B 112 -0.07 9.19 -2.73
N SER B 113 -1.23 9.64 -3.21
CA SER B 113 -1.50 11.04 -3.62
C SER B 113 -2.98 11.39 -3.39
N ILE B 114 -3.25 12.23 -2.39
CA ILE B 114 -4.59 12.84 -2.12
C ILE B 114 -4.97 13.70 -3.34
N THR B 115 -3.98 14.34 -3.96
CA THR B 115 -4.14 15.29 -5.10
C THR B 115 -5.01 14.66 -6.19
N ASN B 116 -4.80 13.38 -6.52
CA ASN B 116 -5.52 12.67 -7.62
C ASN B 116 -6.96 12.36 -7.19
N VAL B 117 -7.15 11.76 -5.99
CA VAL B 117 -8.49 11.32 -5.50
C VAL B 117 -9.41 12.54 -5.40
N LEU B 118 -8.88 13.67 -4.91
CA LEU B 118 -9.58 14.98 -4.83
C LEU B 118 -9.94 15.46 -6.24
N THR B 119 -9.02 15.28 -7.20
CA THR B 119 -9.10 15.80 -8.58
C THR B 119 -10.12 14.99 -9.40
N SER B 120 -10.08 13.66 -9.33
CA SER B 120 -10.92 12.76 -10.17
C SER B 120 -12.40 12.92 -9.79
N ILE B 121 -12.71 12.94 -8.48
CA ILE B 121 -14.11 12.90 -7.96
C ILE B 121 -14.72 14.30 -8.02
N VAL B 122 -14.28 15.21 -7.14
CA VAL B 122 -14.93 16.53 -6.88
C VAL B 122 -14.26 17.60 -7.76
N GLY B 123 -13.99 17.26 -9.03
CA GLY B 123 -13.30 18.14 -9.99
C GLY B 123 -14.23 19.21 -10.53
N ASN B 124 -15.14 18.84 -11.43
CA ASN B 124 -16.04 19.77 -12.16
C ASN B 124 -17.47 19.20 -12.22
N VAL B 125 -17.79 18.21 -11.39
CA VAL B 125 -19.17 17.72 -11.12
C VAL B 125 -19.95 18.85 -10.42
N PHE B 126 -19.22 19.69 -9.67
CA PHE B 126 -19.70 20.98 -9.11
C PHE B 126 -19.79 22.00 -10.25
N GLY B 127 -20.75 22.92 -10.16
CA GLY B 127 -21.04 23.92 -11.21
C GLY B 127 -21.60 23.27 -12.46
N PHE B 128 -22.35 22.17 -12.31
CA PHE B 128 -23.09 21.50 -13.41
C PHE B 128 -24.45 22.20 -13.56
N LYS B 129 -24.89 22.41 -14.81
CA LYS B 129 -26.11 23.18 -15.16
C LYS B 129 -27.37 22.39 -14.77
N ALA B 130 -27.27 21.06 -14.67
CA ALA B 130 -28.39 20.14 -14.39
C ALA B 130 -28.82 20.21 -12.92
N LEU B 131 -28.06 20.91 -12.07
CA LEU B 131 -28.23 20.88 -10.58
C LEU B 131 -27.77 22.20 -9.97
N ARG B 132 -28.51 22.68 -8.96
CA ARG B 132 -28.34 24.02 -8.33
C ARG B 132 -27.31 23.94 -7.19
N ALA B 133 -27.38 22.87 -6.38
CA ALA B 133 -26.57 22.68 -5.15
C ALA B 133 -26.08 21.23 -5.07
N LEU B 134 -24.90 21.03 -4.50
CA LEU B 134 -24.19 19.72 -4.41
C LEU B 134 -23.28 19.73 -3.18
N ARG B 135 -23.29 18.65 -2.40
CA ARG B 135 -22.51 18.54 -1.15
C ARG B 135 -22.01 17.11 -0.96
N LEU B 136 -20.67 16.93 -0.90
CA LEU B 136 -20.03 15.65 -0.51
C LEU B 136 -20.12 15.51 1.01
N GLU B 137 -20.79 14.46 1.49
CA GLU B 137 -21.06 14.21 2.93
C GLU B 137 -19.94 13.33 3.52
N ASP B 138 -19.53 12.28 2.80
CA ASP B 138 -18.58 11.27 3.34
C ASP B 138 -17.87 10.56 2.17
N ILE B 139 -16.82 9.78 2.50
CA ILE B 139 -15.90 9.12 1.54
C ILE B 139 -15.28 7.91 2.26
N ARG B 140 -15.42 6.70 1.70
CA ARG B 140 -14.84 5.47 2.29
C ARG B 140 -13.59 5.05 1.50
N PHE B 141 -12.54 4.67 2.23
CA PHE B 141 -11.26 4.17 1.69
C PHE B 141 -11.17 2.67 1.94
N PRO B 142 -11.06 1.86 0.86
CA PRO B 142 -10.70 0.46 0.98
C PRO B 142 -9.28 0.36 1.55
N VAL B 143 -9.02 -0.70 2.31
CA VAL B 143 -7.77 -0.92 3.08
C VAL B 143 -6.58 -0.99 2.13
N ALA B 144 -6.77 -1.60 0.96
CA ALA B 144 -5.74 -1.79 -0.10
C ALA B 144 -5.15 -0.44 -0.49
N TYR B 145 -5.98 0.60 -0.61
CA TYR B 145 -5.57 1.96 -1.03
C TYR B 145 -4.86 2.69 0.13
N ILE B 146 -5.27 2.41 1.36
CA ILE B 146 -4.80 3.08 2.61
C ILE B 146 -3.30 2.77 2.84
N LYS B 147 -2.83 1.62 2.36
CA LYS B 147 -1.47 1.08 2.65
C LYS B 147 -0.39 1.86 1.89
N THR B 148 -0.72 2.50 0.78
CA THR B 148 0.24 3.19 -0.13
C THR B 148 0.81 4.43 0.56
N PHE B 149 0.02 5.08 1.42
CA PHE B 149 0.37 6.35 2.10
C PHE B 149 1.29 6.07 3.29
N GLN B 150 2.02 7.11 3.68
CA GLN B 150 2.79 7.16 4.95
C GLN B 150 1.81 7.35 6.11
N GLY B 151 0.81 8.22 5.93
CA GLY B 151 -0.12 8.65 6.99
C GLY B 151 0.61 9.54 7.99
N PRO B 152 0.29 9.45 9.30
CA PRO B 152 0.90 10.32 10.31
C PRO B 152 2.39 9.98 10.49
N PRO B 153 3.28 10.99 10.66
CA PRO B 153 4.70 10.72 10.83
C PRO B 153 5.01 9.98 12.14
N HIS B 154 4.12 10.10 13.13
CA HIS B 154 4.29 9.52 14.49
C HIS B 154 2.95 8.94 14.96
N GLY B 155 1.98 9.80 15.27
CA GLY B 155 0.70 9.42 15.90
C GLY B 155 0.71 9.74 17.37
N ILE B 156 -0.39 9.42 18.06
CA ILE B 156 -0.65 9.77 19.49
C ILE B 156 0.33 9.02 20.40
N GLN B 157 0.35 7.69 20.28
CA GLN B 157 1.12 6.76 21.15
C GLN B 157 2.60 7.13 21.13
N VAL B 158 3.09 7.45 19.94
CA VAL B 158 4.51 7.79 19.61
C VAL B 158 4.84 9.15 20.23
N GLU B 159 3.88 10.07 20.15
CA GLU B 159 4.02 11.52 20.46
C GLU B 159 4.12 11.71 21.98
N ARG B 160 3.24 11.05 22.74
CA ARG B 160 3.25 11.04 24.23
C ARG B 160 4.61 10.52 24.74
N ASP B 161 5.23 9.60 24.00
CA ASP B 161 6.48 8.89 24.40
C ASP B 161 7.69 9.81 24.24
N LYS B 162 7.66 10.75 23.30
CA LYS B 162 8.79 11.70 23.03
C LYS B 162 8.77 12.86 24.03
N LEU B 163 7.60 13.14 24.62
CA LEU B 163 7.34 14.33 25.48
C LEU B 163 7.26 13.91 26.96
N ASN B 164 6.99 12.62 27.23
CA ASN B 164 6.95 12.01 28.59
C ASN B 164 5.80 12.63 29.38
N LYS B 165 4.58 12.64 28.83
CA LYS B 165 3.37 13.20 29.46
C LYS B 165 2.23 12.19 29.37
N TYR B 166 1.69 11.77 30.53
CA TYR B 166 0.69 10.69 30.65
C TYR B 166 -0.46 11.14 31.55
N GLY B 167 -1.62 10.49 31.36
CA GLY B 167 -2.83 10.67 32.20
C GLY B 167 -3.74 11.74 31.67
N ARG B 168 -3.20 12.88 31.25
CA ARG B 168 -3.94 14.17 31.19
C ARG B 168 -3.93 14.76 29.78
N PRO B 169 -4.96 15.56 29.44
CA PRO B 169 -4.94 16.42 28.26
C PRO B 169 -3.80 17.44 28.35
N LEU B 170 -3.24 17.82 27.20
CA LEU B 170 -2.07 18.73 27.11
C LEU B 170 -2.56 20.16 26.85
N LEU B 171 -1.83 21.15 27.37
CA LEU B 171 -2.28 22.56 27.45
C LEU B 171 -1.39 23.44 26.55
N GLY B 172 -2.02 24.13 25.60
CA GLY B 172 -1.35 25.05 24.65
C GLY B 172 -1.81 26.47 24.86
N CYS B 173 -1.08 27.43 24.28
CA CYS B 173 -1.36 28.89 24.41
C CYS B 173 -1.03 29.61 23.10
N THR B 174 -1.93 30.49 22.68
CA THR B 174 -1.81 31.36 21.48
C THR B 174 -1.43 32.76 21.93
N ILE B 175 -0.31 33.30 21.44
CA ILE B 175 0.21 34.64 21.84
C ILE B 175 -0.63 35.71 21.12
N LYS B 176 -1.12 36.70 21.86
CA LYS B 176 -1.92 37.84 21.36
C LYS B 176 -1.19 39.13 21.71
N PRO B 177 -1.16 40.15 20.83
CA PRO B 177 -1.95 40.17 19.60
C PRO B 177 -1.30 39.39 18.44
N LYS B 178 -2.09 39.15 17.37
CA LYS B 178 -1.73 38.27 16.23
C LYS B 178 -0.54 38.86 15.46
N LEU B 179 -0.59 40.16 15.12
CA LEU B 179 0.52 40.89 14.45
C LEU B 179 0.75 42.23 15.18
N GLY B 180 2.00 42.50 15.57
CA GLY B 180 2.39 43.77 16.22
C GLY B 180 3.70 43.67 16.98
N LEU B 181 3.89 42.61 17.78
CA LEU B 181 5.04 42.45 18.71
C LEU B 181 6.34 42.27 17.92
N SER B 182 7.45 42.77 18.48
CA SER B 182 8.83 42.56 17.99
C SER B 182 9.28 41.13 18.30
N ALA B 183 10.37 40.68 17.68
CA ALA B 183 10.92 39.31 17.80
C ALA B 183 11.30 39.02 19.26
N LYS B 184 11.76 40.03 19.99
CA LYS B 184 12.22 39.93 21.40
C LYS B 184 11.01 39.91 22.34
N ASN B 185 10.04 40.80 22.10
CA ASN B 185 8.79 40.93 22.91
C ASN B 185 7.99 39.64 22.83
N TYR B 186 7.97 39.02 21.65
CA TYR B 186 7.39 37.67 21.39
C TYR B 186 8.13 36.63 22.24
N GLY B 187 9.46 36.72 22.27
CA GLY B 187 10.36 35.81 23.01
C GLY B 187 10.10 35.82 24.51
N ARG B 188 9.72 36.98 25.07
CA ARG B 188 9.46 37.16 26.54
C ARG B 188 8.03 36.77 26.88
N ALA B 189 7.06 37.10 26.01
CA ALA B 189 5.63 36.78 26.18
C ALA B 189 5.42 35.25 26.13
N VAL B 190 6.32 34.53 25.44
CA VAL B 190 6.32 33.04 25.37
C VAL B 190 7.01 32.47 26.63
N TYR B 191 8.00 33.17 27.18
CA TYR B 191 8.81 32.71 28.34
C TYR B 191 7.93 32.62 29.59
N GLU B 192 7.11 33.65 29.85
CA GLU B 192 6.29 33.79 31.09
C GLU B 192 5.18 32.73 31.14
N CYS B 193 4.69 32.30 29.97
CA CYS B 193 3.53 31.37 29.83
C CYS B 193 3.94 29.93 30.19
N LEU B 194 5.06 29.44 29.64
CA LEU B 194 5.57 28.06 29.85
C LEU B 194 6.16 27.93 31.26
N ARG B 195 6.53 29.06 31.86
CA ARG B 195 7.11 29.16 33.22
C ARG B 195 6.06 28.80 34.27
N GLY B 196 4.84 29.35 34.13
CA GLY B 196 3.68 29.06 34.99
C GLY B 196 3.35 27.57 34.99
N GLY B 197 3.29 26.96 33.80
CA GLY B 197 3.15 25.50 33.62
C GLY B 197 2.22 25.12 32.48
N LEU B 198 2.35 25.77 31.32
CA LEU B 198 1.73 25.33 30.04
C LEU B 198 2.66 24.31 29.39
N ASP B 199 2.11 23.38 28.62
CA ASP B 199 2.90 22.40 27.83
C ASP B 199 3.50 23.11 26.60
N PHE B 200 2.68 23.89 25.88
CA PHE B 200 3.04 24.45 24.55
C PHE B 200 2.64 25.92 24.42
N THR B 201 3.29 26.56 23.46
CA THR B 201 2.96 27.91 22.93
C THR B 201 2.91 27.81 21.41
N LYS B 202 2.25 28.78 20.77
CA LYS B 202 1.81 28.63 19.40
C LYS B 202 1.90 29.98 18.67
N ASP B 203 2.31 29.92 17.40
CA ASP B 203 2.31 31.07 16.52
C ASP B 203 0.95 31.19 15.84
N ASP B 204 0.53 32.41 15.50
CA ASP B 204 -0.78 32.71 14.85
C ASP B 204 -0.72 32.32 13.37
N GLU B 205 -1.88 32.12 12.75
CA GLU B 205 -2.02 31.45 11.42
C GLU B 205 -1.66 32.41 10.28
N ASN B 206 -1.56 33.72 10.56
CA ASN B 206 -1.29 34.77 9.54
C ASN B 206 0.12 35.35 9.72
N ILE B 207 0.80 35.07 10.84
CA ILE B 207 2.25 35.41 11.01
C ILE B 207 3.04 34.46 10.10
N ASN B 208 3.78 35.02 9.14
CA ASN B 208 4.67 34.25 8.22
C ASN B 208 6.07 34.86 8.29
N SER B 209 6.42 35.73 7.33
CA SER B 209 7.64 36.57 7.35
C SER B 209 7.23 38.03 7.17
N ALA B 210 6.49 38.56 8.15
CA ALA B 210 6.02 39.96 8.20
C ALA B 210 7.23 40.88 8.36
N PRO B 211 7.24 42.06 7.70
CA PRO B 211 8.33 43.03 7.84
C PRO B 211 8.77 43.39 9.27
N PHE B 212 7.83 43.45 10.22
CA PHE B 212 8.08 43.96 11.60
C PHE B 212 8.89 42.94 12.41
N GLN B 213 8.61 41.64 12.25
CA GLN B 213 9.45 40.54 12.80
C GLN B 213 9.73 39.51 11.69
N ARG B 214 10.99 39.38 11.27
CA ARG B 214 11.45 38.35 10.31
C ARG B 214 11.49 37.00 11.04
N TRP B 215 11.25 35.92 10.29
CA TRP B 215 11.08 34.54 10.82
C TRP B 215 12.33 34.10 11.59
N ARG B 216 13.51 34.43 11.06
CA ARG B 216 14.83 33.94 11.54
C ARG B 216 15.13 34.54 12.93
N ASP B 217 14.71 35.78 13.16
CA ASP B 217 14.83 36.50 14.45
C ASP B 217 13.88 35.88 15.46
N ARG B 218 12.61 35.70 15.07
CA ARG B 218 11.55 35.05 15.88
C ARG B 218 12.02 33.64 16.28
N PHE B 219 12.64 32.92 15.36
CA PHE B 219 13.11 31.51 15.52
C PHE B 219 14.26 31.45 16.56
N LEU B 220 15.01 32.54 16.74
CA LEU B 220 16.23 32.58 17.59
C LEU B 220 15.88 32.94 19.04
N PHE B 221 14.92 33.84 19.25
CA PHE B 221 14.54 34.37 20.59
C PHE B 221 13.68 33.35 21.34
N VAL B 222 12.82 32.64 20.61
CA VAL B 222 11.92 31.57 21.15
C VAL B 222 12.81 30.40 21.61
N ALA B 223 13.97 30.21 20.99
CA ALA B 223 14.97 29.16 21.33
C ALA B 223 15.60 29.45 22.70
N ASP B 224 15.78 30.72 23.04
CA ASP B 224 16.42 31.18 24.32
C ASP B 224 15.44 31.00 25.48
N ALA B 225 14.14 31.23 25.24
CA ALA B 225 13.08 31.24 26.27
C ALA B 225 12.65 29.81 26.64
N ILE B 226 12.74 28.86 25.71
CA ILE B 226 12.37 27.43 25.95
C ILE B 226 13.45 26.78 26.83
N THR B 227 14.73 26.97 26.50
CA THR B 227 15.89 26.42 27.25
C THR B 227 15.90 26.98 28.68
N LYS B 228 15.40 28.21 28.84
CA LYS B 228 15.33 28.96 30.13
C LYS B 228 14.29 28.31 31.05
N ALA B 229 13.06 28.13 30.57
CA ALA B 229 11.91 27.60 31.33
C ALA B 229 11.99 26.08 31.45
N GLN B 230 12.81 25.43 30.61
CA GLN B 230 13.09 23.96 30.67
C GLN B 230 13.94 23.65 31.90
N ALA B 231 14.99 24.43 32.14
CA ALA B 231 15.94 24.27 33.27
C ALA B 231 15.32 24.80 34.57
N GLU B 232 14.22 25.56 34.47
CA GLU B 232 13.50 26.15 35.64
C GLU B 232 12.54 25.12 36.23
N THR B 233 11.42 24.86 35.56
CA THR B 233 10.28 24.02 36.05
C THR B 233 10.69 22.55 36.07
N GLY B 234 11.56 22.13 35.15
CA GLY B 234 12.14 20.77 35.12
C GLY B 234 11.32 19.81 34.27
N GLU B 235 10.60 20.33 33.27
CA GLU B 235 9.71 19.56 32.36
C GLU B 235 10.14 19.82 30.92
N ILE B 236 9.72 18.97 29.97
CA ILE B 236 9.91 19.18 28.51
C ILE B 236 8.85 20.18 28.04
N LYS B 237 9.29 21.30 27.46
CA LYS B 237 8.41 22.37 26.93
C LYS B 237 8.61 22.48 25.41
N GLY B 238 7.62 23.04 24.73
CA GLY B 238 7.61 23.18 23.26
C GLY B 238 6.92 24.45 22.81
N HIS B 239 7.11 24.80 21.54
CA HIS B 239 6.42 25.93 20.85
C HIS B 239 6.29 25.58 19.36
N TYR B 240 5.07 25.69 18.81
CA TYR B 240 4.81 25.42 17.37
C TYR B 240 5.33 26.61 16.56
N LEU B 241 6.34 26.35 15.74
CA LEU B 241 6.97 27.36 14.85
C LEU B 241 6.32 27.25 13.48
N ASN B 242 5.45 28.21 13.13
CA ASN B 242 4.73 28.26 11.85
C ASN B 242 5.77 28.34 10.72
N VAL B 243 5.75 27.33 9.84
CA VAL B 243 6.76 27.10 8.77
C VAL B 243 6.16 27.51 7.42
N THR B 244 4.83 27.61 7.33
CA THR B 244 4.08 27.91 6.08
C THR B 244 4.78 29.04 5.33
N ALA B 245 5.22 28.76 4.11
CA ALA B 245 6.04 29.65 3.25
C ALA B 245 5.45 29.67 1.84
N PRO B 246 5.69 30.74 1.06
CA PRO B 246 5.14 30.84 -0.30
C PRO B 246 5.66 29.78 -1.28
N THR B 247 6.97 29.50 -1.28
CA THR B 247 7.62 28.50 -2.18
C THR B 247 8.09 27.29 -1.36
N CYS B 248 8.46 26.20 -2.05
CA CYS B 248 8.81 24.88 -1.46
C CYS B 248 10.28 24.84 -1.02
N GLU B 249 11.14 25.70 -1.60
CA GLU B 249 12.56 25.85 -1.18
C GLU B 249 12.59 26.51 0.21
N GLU B 250 11.93 27.67 0.33
CA GLU B 250 11.86 28.50 1.56
C GLU B 250 11.34 27.64 2.72
N MET B 251 10.27 26.88 2.49
CA MET B 251 9.59 26.01 3.50
C MET B 251 10.60 25.01 4.08
N LEU B 252 11.32 24.28 3.23
CA LEU B 252 12.32 23.25 3.62
C LEU B 252 13.50 23.92 4.33
N LYS B 253 13.86 25.14 3.90
CA LYS B 253 15.06 25.88 4.34
C LYS B 253 14.84 26.46 5.75
N ARG B 254 13.63 26.95 6.02
CA ARG B 254 13.18 27.42 7.36
C ARG B 254 13.18 26.25 8.35
N ALA B 255 12.77 25.06 7.88
CA ALA B 255 12.65 23.82 8.67
C ALA B 255 14.04 23.28 8.99
N GLU B 256 14.99 23.42 8.07
CA GLU B 256 16.43 23.07 8.28
C GLU B 256 16.94 23.81 9.51
N TYR B 257 16.44 25.03 9.77
CA TYR B 257 16.86 25.93 10.87
C TYR B 257 16.22 25.51 12.19
N ALA B 258 14.96 25.04 12.16
CA ALA B 258 14.19 24.61 13.35
C ALA B 258 14.80 23.32 13.92
N LYS B 259 15.19 22.38 13.04
CA LYS B 259 15.94 21.14 13.38
C LYS B 259 17.28 21.51 14.03
N GLU B 260 17.89 22.61 13.58
CA GLU B 260 19.26 23.05 13.96
C GLU B 260 19.27 23.60 15.40
N LEU B 261 18.15 24.18 15.85
CA LEU B 261 17.98 24.73 17.23
C LEU B 261 17.33 23.67 18.13
N LYS B 262 17.17 22.43 17.63
CA LYS B 262 16.68 21.25 18.37
C LYS B 262 15.26 21.52 18.88
N GLN B 263 14.33 21.81 17.96
CA GLN B 263 12.91 22.11 18.27
C GLN B 263 12.09 20.84 18.08
N PRO B 264 11.32 20.41 19.11
CA PRO B 264 10.54 19.18 19.02
C PRO B 264 9.30 19.32 18.13
N ILE B 265 8.82 20.55 17.90
CA ILE B 265 7.56 20.79 17.14
C ILE B 265 7.68 22.03 16.26
N ILE B 266 6.97 21.95 15.13
CA ILE B 266 6.63 23.04 14.18
C ILE B 266 5.18 22.83 13.77
N MET B 267 4.62 23.69 12.93
CA MET B 267 3.20 23.62 12.54
C MET B 267 3.01 24.18 11.12
N HIS B 268 1.90 23.82 10.48
CA HIS B 268 1.60 24.14 9.06
C HIS B 268 0.09 24.29 8.86
N ASP B 269 -0.31 25.12 7.89
CA ASP B 269 -1.70 25.24 7.40
C ASP B 269 -1.76 24.55 6.03
N TYR B 270 -2.51 23.45 5.95
CA TYR B 270 -2.50 22.44 4.86
C TYR B 270 -3.41 22.88 3.70
N LEU B 271 -4.58 23.45 4.02
CA LEU B 271 -5.61 23.88 3.04
C LEU B 271 -5.04 24.99 2.15
N THR B 272 -4.39 25.98 2.77
CA THR B 272 -3.94 27.25 2.12
C THR B 272 -2.68 27.01 1.29
N ALA B 273 -1.71 26.25 1.83
CA ALA B 273 -0.44 25.91 1.15
C ALA B 273 -0.68 24.87 0.05
N GLY B 274 -1.75 24.08 0.18
CA GLY B 274 -2.11 22.99 -0.74
C GLY B 274 -1.63 21.65 -0.22
N PHE B 275 -2.16 20.56 -0.78
CA PHE B 275 -1.93 19.16 -0.32
C PHE B 275 -0.52 18.70 -0.72
N THR B 276 0.00 19.15 -1.87
CA THR B 276 1.33 18.75 -2.42
C THR B 276 2.45 19.37 -1.58
N ALA B 277 2.28 20.63 -1.14
CA ALA B 277 3.19 21.34 -0.21
C ALA B 277 3.26 20.56 1.12
N ASN B 278 2.08 20.26 1.68
CA ASN B 278 1.89 19.54 2.96
C ASN B 278 2.49 18.13 2.89
N THR B 279 2.60 17.55 1.69
CA THR B 279 3.04 16.15 1.42
C THR B 279 4.57 16.05 1.56
N THR B 280 5.32 16.83 0.79
CA THR B 280 6.82 16.80 0.73
C THR B 280 7.38 17.06 2.14
N LEU B 281 6.68 17.92 2.89
CA LEU B 281 6.94 18.29 4.30
C LEU B 281 6.89 17.07 5.21
N ALA B 282 5.75 16.35 5.20
CA ALA B 282 5.44 15.21 6.09
C ALA B 282 6.47 14.08 5.88
N ARG B 283 6.85 13.84 4.62
CA ARG B 283 7.94 12.90 4.24
C ARG B 283 9.23 13.36 4.92
N TRP B 284 9.54 14.64 4.78
CA TRP B 284 10.72 15.29 5.42
C TRP B 284 10.65 15.14 6.94
N CYS B 285 9.47 15.31 7.54
CA CYS B 285 9.26 15.33 9.01
C CYS B 285 9.49 13.93 9.62
N ARG B 286 9.00 12.88 8.95
CA ARG B 286 9.23 11.46 9.35
C ARG B 286 10.72 11.15 9.19
N ASP B 287 11.38 11.77 8.20
CA ASP B 287 12.83 11.60 7.92
C ASP B 287 13.67 12.14 9.08
N ASN B 288 13.16 13.13 9.82
CA ASN B 288 13.96 13.97 10.77
C ASN B 288 13.44 13.84 12.21
N GLY B 289 12.24 13.29 12.42
CA GLY B 289 11.67 13.03 13.76
C GLY B 289 11.23 14.31 14.45
N VAL B 290 10.56 15.21 13.72
CA VAL B 290 9.92 16.44 14.26
C VAL B 290 8.40 16.26 14.17
N LEU B 291 7.69 16.59 15.25
CA LEU B 291 6.21 16.50 15.35
C LEU B 291 5.61 17.74 14.67
N LEU B 292 4.57 17.55 13.87
CA LEU B 292 3.93 18.61 13.07
C LEU B 292 2.52 18.88 13.58
N HIS B 293 2.23 20.13 13.93
CA HIS B 293 0.86 20.64 14.21
C HIS B 293 0.24 21.14 12.90
N ILE B 294 -1.06 20.92 12.71
CA ILE B 294 -1.79 21.41 11.51
C ILE B 294 -2.95 22.30 11.99
N HIS B 295 -2.95 23.56 11.55
CA HIS B 295 -4.09 24.50 11.72
C HIS B 295 -5.02 24.36 10.51
N ARG B 296 -6.33 24.51 10.76
CA ARG B 296 -7.41 24.28 9.77
C ARG B 296 -7.91 25.63 9.23
N ALA B 297 -6.99 26.56 8.97
CA ALA B 297 -7.31 27.92 8.45
C ALA B 297 -8.06 27.78 7.12
N MET B 298 -9.16 28.52 6.96
CA MET B 298 -9.93 28.66 5.69
C MET B 298 -10.86 27.45 5.49
N HIS B 299 -11.25 26.77 6.57
CA HIS B 299 -12.16 25.59 6.53
C HIS B 299 -13.61 26.06 6.36
N ALA B 300 -13.95 27.22 6.95
CA ALA B 300 -15.34 27.69 7.19
C ALA B 300 -16.05 28.07 5.88
N VAL B 301 -15.31 28.27 4.78
CA VAL B 301 -15.89 28.74 3.48
C VAL B 301 -16.47 27.55 2.70
N ILE B 302 -15.92 26.33 2.91
CA ILE B 302 -16.36 25.10 2.19
C ILE B 302 -17.45 24.38 3.00
N ASP B 303 -17.18 24.09 4.28
CA ASP B 303 -17.95 23.11 5.10
C ASP B 303 -19.10 23.77 5.87
N ARG B 304 -19.38 25.05 5.62
CA ARG B 304 -20.34 25.85 6.41
C ARG B 304 -21.78 25.48 6.02
N GLN B 305 -22.07 25.55 4.72
CA GLN B 305 -23.44 25.40 4.16
C GLN B 305 -23.81 23.92 4.12
N LYS B 306 -25.05 23.62 4.50
CA LYS B 306 -25.58 22.23 4.67
C LYS B 306 -26.12 21.72 3.32
N ASN B 307 -26.22 22.60 2.31
CA ASN B 307 -26.71 22.27 0.95
C ASN B 307 -25.54 22.22 -0.05
N HIS B 308 -24.45 22.95 0.22
CA HIS B 308 -23.33 23.16 -0.73
C HIS B 308 -21.98 23.04 -0.02
N GLY B 309 -21.00 22.41 -0.68
CA GLY B 309 -19.60 22.28 -0.20
C GLY B 309 -19.21 20.82 -0.01
N ILE B 310 -18.20 20.59 0.82
CA ILE B 310 -17.74 19.24 1.28
C ILE B 310 -17.73 19.26 2.81
N HIS B 311 -18.24 18.20 3.45
CA HIS B 311 -18.24 18.08 4.93
C HIS B 311 -16.81 17.90 5.44
N PHE B 312 -16.53 18.42 6.63
CA PHE B 312 -15.20 18.49 7.28
C PHE B 312 -14.61 17.09 7.48
N ARG B 313 -15.47 16.09 7.72
CA ARG B 313 -15.06 14.68 8.03
C ARG B 313 -14.27 14.10 6.84
N VAL B 314 -14.63 14.48 5.61
CA VAL B 314 -13.91 14.08 4.36
C VAL B 314 -12.48 14.63 4.43
N LEU B 315 -12.35 15.90 4.81
CA LEU B 315 -11.06 16.66 4.86
C LEU B 315 -10.21 16.15 6.02
N ALA B 316 -10.86 15.72 7.11
CA ALA B 316 -10.21 15.14 8.31
C ALA B 316 -9.55 13.81 7.95
N LYS B 317 -10.28 12.93 7.25
CA LYS B 317 -9.76 11.68 6.66
C LYS B 317 -8.54 12.01 5.79
N ALA B 318 -8.73 12.92 4.83
CA ALA B 318 -7.72 13.38 3.85
C ALA B 318 -6.46 13.84 4.59
N LEU B 319 -6.62 14.47 5.77
CA LEU B 319 -5.49 14.93 6.62
C LEU B 319 -4.77 13.71 7.22
N ARG B 320 -5.52 12.80 7.86
CA ARG B 320 -4.96 11.59 8.54
C ARG B 320 -4.06 10.82 7.57
N LEU B 321 -4.43 10.81 6.28
CA LEU B 321 -3.76 10.02 5.20
C LEU B 321 -2.55 10.78 4.65
N SER B 322 -2.72 12.06 4.36
CA SER B 322 -1.64 13.03 4.04
C SER B 322 -0.57 12.92 5.14
N GLY B 323 -1.01 12.87 6.40
CA GLY B 323 -0.17 12.87 7.60
C GLY B 323 -0.39 14.12 8.42
N GLY B 324 -0.14 14.02 9.73
CA GLY B 324 -0.36 15.09 10.72
C GLY B 324 -0.52 14.51 12.11
N ASP B 325 0.23 15.04 13.09
CA ASP B 325 0.25 14.53 14.48
C ASP B 325 -0.84 15.24 15.31
N HIS B 326 -1.17 16.49 14.98
CA HIS B 326 -2.28 17.26 15.60
C HIS B 326 -3.19 17.85 14.53
N ILE B 327 -4.41 18.20 14.92
CA ILE B 327 -5.45 18.77 14.03
C ILE B 327 -6.50 19.51 14.88
N HIS B 328 -6.88 20.72 14.44
CA HIS B 328 -7.93 21.56 15.04
C HIS B 328 -9.31 20.98 14.69
N THR B 329 -10.13 20.68 15.71
CA THR B 329 -11.45 20.00 15.56
C THR B 329 -12.60 21.00 15.82
N GLY B 330 -12.35 22.06 16.61
CA GLY B 330 -13.33 23.12 16.89
C GLY B 330 -14.10 22.85 18.18
N THR B 331 -14.45 23.91 18.91
CA THR B 331 -15.05 23.85 20.27
C THR B 331 -16.56 23.60 20.19
N VAL B 332 -17.09 22.87 21.17
CA VAL B 332 -18.56 22.74 21.46
C VAL B 332 -18.89 23.66 22.64
N ARG B 340 -22.50 19.00 17.73
CA ARG B 340 -22.11 18.24 18.95
C ARG B 340 -22.18 16.74 18.67
N GLY B 341 -23.32 16.24 18.21
CA GLY B 341 -23.50 14.86 17.70
C GLY B 341 -22.65 14.63 16.46
N ILE B 342 -22.36 15.71 15.72
CA ILE B 342 -21.59 15.72 14.44
C ILE B 342 -20.08 15.74 14.76
N THR B 343 -19.68 16.55 15.74
CA THR B 343 -18.26 16.84 16.10
C THR B 343 -17.61 15.57 16.67
N MET B 344 -18.31 14.81 17.51
CA MET B 344 -17.82 13.54 18.11
C MET B 344 -17.80 12.43 17.04
N GLY B 345 -18.56 12.60 15.95
CA GLY B 345 -18.56 11.70 14.79
C GLY B 345 -17.19 11.63 14.14
N PHE B 346 -16.59 12.77 13.82
CA PHE B 346 -15.29 12.87 13.10
C PHE B 346 -14.11 12.96 14.09
N VAL B 347 -14.38 13.00 15.40
CA VAL B 347 -13.33 12.97 16.47
C VAL B 347 -12.94 11.50 16.74
N ASP B 348 -13.94 10.62 16.92
CA ASP B 348 -13.73 9.16 17.13
C ASP B 348 -13.28 8.52 15.81
N LEU B 349 -13.43 9.23 14.69
CA LEU B 349 -13.06 8.76 13.32
C LEU B 349 -11.55 8.94 13.10
N LEU B 350 -10.93 9.93 13.75
CA LEU B 350 -9.49 10.28 13.59
C LEU B 350 -8.63 9.52 14.62
N ARG B 351 -9.21 9.11 15.75
CA ARG B 351 -8.47 8.49 16.89
C ARG B 351 -8.57 6.96 16.82
N GLU B 352 -9.76 6.42 16.52
CA GLU B 352 -10.01 4.96 16.60
C GLU B 352 -9.45 4.24 15.37
N ASN B 353 -9.08 2.97 15.57
CA ASN B 353 -8.54 2.06 14.53
C ASN B 353 -9.71 1.53 13.68
N TYR B 354 -10.83 1.20 14.31
CA TYR B 354 -12.06 0.67 13.66
C TYR B 354 -13.28 1.46 14.16
N VAL B 355 -14.05 2.02 13.22
CA VAL B 355 -15.28 2.83 13.49
C VAL B 355 -16.42 2.28 12.64
N GLU B 356 -17.62 2.19 13.24
CA GLU B 356 -18.83 1.52 12.69
C GLU B 356 -19.78 2.58 12.11
N GLN B 357 -20.61 2.18 11.14
CA GLN B 357 -21.58 3.06 10.44
C GLN B 357 -22.67 3.52 11.43
N ASP B 358 -22.82 4.84 11.61
CA ASP B 358 -23.84 5.47 12.47
C ASP B 358 -24.39 6.71 11.76
N LYS B 359 -25.62 6.62 11.25
CA LYS B 359 -26.27 7.64 10.38
C LYS B 359 -26.69 8.86 11.21
N SER B 360 -27.04 8.66 12.48
CA SER B 360 -27.44 9.72 13.45
C SER B 360 -26.23 10.58 13.81
N ARG B 361 -25.07 9.94 14.00
CA ARG B 361 -23.76 10.59 14.29
C ARG B 361 -23.33 11.42 13.08
N GLY B 362 -23.64 10.93 11.86
CA GLY B 362 -23.35 11.60 10.58
C GLY B 362 -22.47 10.77 9.66
N ILE B 363 -22.11 9.55 10.07
CA ILE B 363 -21.15 8.65 9.35
C ILE B 363 -21.96 7.69 8.46
N TYR B 364 -21.64 7.65 7.16
CA TYR B 364 -22.42 6.94 6.11
C TYR B 364 -21.81 5.56 5.81
N PHE B 365 -20.50 5.39 6.00
CA PHE B 365 -19.73 4.18 5.58
C PHE B 365 -18.93 3.60 6.74
N THR B 366 -18.61 2.30 6.65
CA THR B 366 -17.71 1.56 7.57
C THR B 366 -16.26 1.79 7.11
N GLN B 367 -15.52 2.61 7.87
CA GLN B 367 -14.08 2.87 7.61
C GLN B 367 -13.24 1.97 8.54
N ASP B 368 -12.23 1.30 7.99
CA ASP B 368 -11.30 0.40 8.71
C ASP B 368 -9.86 0.82 8.38
N TRP B 369 -9.13 1.34 9.39
CA TRP B 369 -7.72 1.78 9.27
C TRP B 369 -6.79 0.59 9.53
N ALA B 370 -5.78 0.41 8.68
CA ALA B 370 -4.81 -0.71 8.72
C ALA B 370 -3.61 -0.34 9.60
N SER B 371 -3.77 -0.40 10.92
CA SER B 371 -2.72 -0.19 11.95
C SER B 371 -2.17 1.23 11.87
N LEU B 372 -2.82 2.14 11.15
CA LEU B 372 -2.33 3.53 10.94
C LEU B 372 -2.51 4.29 12.25
N PRO B 373 -1.45 4.96 12.76
CA PRO B 373 -1.53 5.67 14.04
C PRO B 373 -2.61 6.77 14.02
N GLY B 374 -3.11 7.14 15.20
CA GLY B 374 -4.18 8.14 15.37
C GLY B 374 -3.63 9.56 15.42
N VAL B 375 -4.46 10.56 15.10
CA VAL B 375 -4.13 12.01 15.17
C VAL B 375 -4.79 12.59 16.43
N MET B 376 -4.06 13.42 17.17
CA MET B 376 -4.54 14.03 18.44
C MET B 376 -5.42 15.25 18.14
N ALA B 377 -6.57 15.33 18.80
CA ALA B 377 -7.55 16.43 18.67
C ALA B 377 -6.99 17.69 19.34
N VAL B 378 -7.12 18.85 18.67
CA VAL B 378 -6.73 20.18 19.20
C VAL B 378 -8.01 21.02 19.34
N ALA B 379 -8.33 21.44 20.57
CA ALA B 379 -9.50 22.26 20.93
C ALA B 379 -9.03 23.69 21.23
N SER B 380 -9.38 24.64 20.36
CA SER B 380 -8.99 26.08 20.48
C SER B 380 -10.12 26.98 19.96
N GLY B 381 -10.35 28.10 20.65
CA GLY B 381 -11.30 29.16 20.24
C GLY B 381 -12.29 29.50 21.33
N GLY B 382 -11.95 30.44 22.21
CA GLY B 382 -12.87 31.12 23.14
C GLY B 382 -13.37 30.20 24.23
N ILE B 383 -12.46 29.76 25.11
CA ILE B 383 -12.78 28.91 26.30
C ILE B 383 -12.02 29.47 27.52
N HIS B 384 -12.64 29.39 28.69
CA HIS B 384 -12.09 29.85 29.99
C HIS B 384 -12.13 28.69 30.99
N VAL B 385 -11.81 28.98 32.26
CA VAL B 385 -11.60 27.96 33.34
C VAL B 385 -12.94 27.34 33.77
N TRP B 386 -14.08 27.82 33.28
CA TRP B 386 -15.43 27.28 33.60
C TRP B 386 -15.88 26.25 32.56
N HIS B 387 -15.35 26.32 31.32
CA HIS B 387 -15.59 25.32 30.26
C HIS B 387 -14.70 24.09 30.50
N MET B 388 -13.89 24.12 31.56
CA MET B 388 -12.85 23.11 31.89
C MET B 388 -13.49 21.76 32.19
N PRO B 389 -14.59 21.67 33.00
CA PRO B 389 -15.25 20.38 33.25
C PRO B 389 -15.86 19.74 31.99
N ALA B 390 -16.40 20.55 31.09
CA ALA B 390 -17.15 20.11 29.89
C ALA B 390 -16.22 19.49 28.84
N LEU B 391 -14.98 19.98 28.72
CA LEU B 391 -14.06 19.66 27.60
C LEU B 391 -13.21 18.42 27.92
N VAL B 392 -12.94 18.12 29.20
CA VAL B 392 -12.18 16.91 29.61
C VAL B 392 -13.07 15.67 29.45
N GLU B 393 -14.38 15.80 29.68
CA GLU B 393 -15.35 14.68 29.64
C GLU B 393 -15.64 14.27 28.19
N ILE B 394 -15.88 15.26 27.31
CA ILE B 394 -16.37 15.01 25.91
C ILE B 394 -15.20 14.55 25.03
N PHE B 395 -14.06 15.27 25.04
CA PHE B 395 -12.88 14.96 24.20
C PHE B 395 -12.08 13.79 24.79
N GLY B 396 -12.14 13.61 26.12
CA GLY B 396 -11.48 12.51 26.84
C GLY B 396 -10.07 12.88 27.26
N ASP B 397 -9.11 11.98 27.06
CA ASP B 397 -7.72 12.07 27.58
C ASP B 397 -6.76 12.46 26.46
N ASP B 398 -6.93 11.90 25.26
CA ASP B 398 -6.02 12.10 24.10
C ASP B 398 -6.50 13.28 23.27
N SER B 399 -6.25 14.51 23.75
CA SER B 399 -6.59 15.80 23.08
C SER B 399 -5.72 16.92 23.64
N VAL B 400 -5.59 18.03 22.90
CA VAL B 400 -4.83 19.24 23.31
C VAL B 400 -5.82 20.39 23.50
N LEU B 401 -5.84 20.98 24.70
CA LEU B 401 -6.71 22.13 25.07
C LEU B 401 -5.88 23.42 25.00
N GLN B 402 -6.32 24.38 24.18
CA GLN B 402 -5.53 25.59 23.82
C GLN B 402 -6.33 26.84 24.19
N PHE B 403 -5.72 27.73 24.98
CA PHE B 403 -6.32 28.98 25.51
C PHE B 403 -5.62 30.19 24.89
N GLY B 404 -6.27 30.83 23.92
CA GLY B 404 -5.79 32.05 23.26
C GLY B 404 -5.96 33.28 24.15
N GLY B 405 -7.21 33.66 24.42
CA GLY B 405 -7.56 34.86 25.21
C GLY B 405 -7.62 34.58 26.70
N GLY B 406 -7.65 33.32 27.11
CA GLY B 406 -7.96 32.88 28.49
C GLY B 406 -6.76 32.95 29.44
N THR B 407 -5.54 32.96 28.91
CA THR B 407 -4.28 32.90 29.72
C THR B 407 -3.66 34.31 29.85
N LEU B 408 -3.52 35.04 28.74
CA LEU B 408 -2.87 36.38 28.67
C LEU B 408 -3.72 37.41 29.43
N GLY B 409 -5.05 37.35 29.30
CA GLY B 409 -5.98 38.34 29.83
C GLY B 409 -6.30 38.14 31.30
N HIS B 410 -5.41 37.46 32.05
CA HIS B 410 -5.53 37.26 33.52
C HIS B 410 -5.17 38.57 34.22
N PRO B 411 -5.88 38.95 35.31
CA PRO B 411 -5.60 40.18 36.05
C PRO B 411 -4.14 40.38 36.47
N TRP B 412 -3.40 39.29 36.68
CA TRP B 412 -2.08 39.25 37.37
C TRP B 412 -0.93 39.00 36.37
N GLY B 413 -1.26 38.66 35.12
CA GLY B 413 -0.27 38.48 34.03
C GLY B 413 -0.32 37.09 33.43
N ASN B 414 0.75 36.68 32.75
CA ASN B 414 0.81 35.45 31.93
C ASN B 414 1.15 34.23 32.82
N ALA B 415 2.03 34.41 33.81
CA ALA B 415 2.55 33.32 34.67
C ALA B 415 1.48 32.85 35.66
N PRO B 416 0.73 33.74 36.35
CA PRO B 416 -0.39 33.32 37.19
C PRO B 416 -1.57 32.77 36.38
N GLY B 417 -1.84 33.34 35.20
CA GLY B 417 -2.91 32.92 34.28
C GLY B 417 -2.71 31.50 33.78
N ALA B 418 -1.46 31.07 33.68
CA ALA B 418 -1.05 29.69 33.27
C ALA B 418 -1.32 28.72 34.43
N THR B 419 -0.90 29.08 35.64
CA THR B 419 -1.04 28.28 36.89
C THR B 419 -2.53 28.13 37.23
N ALA B 420 -3.36 29.08 36.80
CA ALA B 420 -4.84 29.07 36.95
C ALA B 420 -5.44 27.91 36.15
N ASN B 421 -5.07 27.80 34.86
CA ASN B 421 -5.63 26.79 33.92
C ASN B 421 -5.03 25.41 34.22
N ARG B 422 -3.80 25.35 34.75
CA ARG B 422 -3.09 24.08 35.06
C ARG B 422 -3.76 23.38 36.24
N VAL B 423 -3.97 24.10 37.34
CA VAL B 423 -4.56 23.55 38.61
C VAL B 423 -6.01 23.14 38.36
N ALA B 424 -6.72 23.84 37.47
CA ALA B 424 -8.14 23.59 37.12
C ALA B 424 -8.28 22.30 36.31
N LEU B 425 -7.30 21.97 35.46
CA LEU B 425 -7.27 20.71 34.66
C LEU B 425 -7.00 19.53 35.59
N GLU B 426 -5.96 19.64 36.43
CA GLU B 426 -5.46 18.55 37.32
C GLU B 426 -6.51 18.19 38.37
N ALA B 427 -7.37 19.15 38.75
CA ALA B 427 -8.48 18.98 39.71
C ALA B 427 -9.56 18.09 39.10
N CYS B 428 -9.91 18.31 37.82
CA CYS B 428 -10.98 17.59 37.09
C CYS B 428 -10.52 16.17 36.73
N VAL B 429 -9.22 15.99 36.46
CA VAL B 429 -8.61 14.68 36.10
C VAL B 429 -8.56 13.77 37.33
N GLN B 430 -8.26 14.34 38.51
CA GLN B 430 -8.22 13.60 39.81
C GLN B 430 -9.64 13.20 40.21
N ALA B 431 -10.62 14.11 40.06
CA ALA B 431 -12.05 13.90 40.41
C ALA B 431 -12.66 12.79 39.53
N ARG B 432 -12.26 12.74 38.25
CA ARG B 432 -12.75 11.78 37.23
C ARG B 432 -12.31 10.36 37.58
N ASN B 433 -11.06 10.20 38.03
CA ASN B 433 -10.42 8.89 38.34
C ASN B 433 -11.09 8.24 39.56
N GLU B 434 -11.32 9.02 40.62
CA GLU B 434 -11.95 8.57 41.88
C GLU B 434 -13.36 8.05 41.60
N GLY B 435 -14.06 8.70 40.65
CA GLY B 435 -15.34 8.24 40.09
C GLY B 435 -16.46 9.23 40.35
N ARG B 436 -16.26 10.50 39.97
CA ARG B 436 -17.27 11.58 40.07
C ARG B 436 -17.72 11.97 38.65
N ASN B 437 -19.03 12.16 38.46
CA ASN B 437 -19.62 12.68 37.21
C ASN B 437 -19.32 14.19 37.15
N LEU B 438 -18.67 14.63 36.07
CA LEU B 438 -18.18 16.04 35.90
C LEU B 438 -19.28 16.89 35.24
N ALA B 439 -20.42 16.29 34.88
CA ALA B 439 -21.63 16.99 34.38
C ALA B 439 -22.45 17.51 35.56
N ARG B 440 -22.49 16.75 36.67
CA ARG B 440 -23.30 17.10 37.89
C ARG B 440 -22.42 17.93 38.83
N GLU B 441 -21.18 17.49 39.08
CA GLU B 441 -20.24 18.08 40.09
C GLU B 441 -19.15 18.90 39.39
N GLY B 442 -19.47 19.48 38.22
CA GLY B 442 -18.51 20.20 37.35
C GLY B 442 -18.14 21.55 37.93
N ASN B 443 -19.14 22.32 38.37
CA ASN B 443 -18.97 23.65 39.01
C ASN B 443 -18.40 23.48 40.42
N ASP B 444 -18.58 22.29 41.03
CA ASP B 444 -18.23 21.99 42.44
C ASP B 444 -16.71 21.85 42.59
N VAL B 445 -16.04 21.12 41.69
CA VAL B 445 -14.58 20.79 41.79
C VAL B 445 -13.76 22.06 41.53
N ILE B 446 -14.21 22.93 40.61
CA ILE B 446 -13.55 24.22 40.26
C ILE B 446 -13.52 25.13 41.48
N ARG B 447 -14.58 25.13 42.29
CA ARG B 447 -14.77 26.08 43.44
C ARG B 447 -14.01 25.60 44.68
N GLU B 448 -13.90 24.28 44.93
CA GLU B 448 -13.19 23.74 46.13
C GLU B 448 -11.67 23.75 45.88
N ALA B 449 -11.25 23.88 44.63
CA ALA B 449 -9.83 24.09 44.23
C ALA B 449 -9.44 25.56 44.41
N ALA B 450 -10.42 26.46 44.33
CA ALA B 450 -10.26 27.94 44.36
C ALA B 450 -9.89 28.42 45.77
N LYS B 451 -9.87 27.53 46.75
CA LYS B 451 -9.80 27.85 48.20
C LYS B 451 -8.33 27.92 48.65
N TRP B 452 -7.48 27.02 48.13
CA TRP B 452 -6.05 26.87 48.57
C TRP B 452 -5.09 27.50 47.55
N SER B 453 -5.56 27.90 46.37
CA SER B 453 -4.73 28.60 45.35
C SER B 453 -5.28 30.00 45.09
N PRO B 454 -4.46 31.06 45.30
CA PRO B 454 -4.88 32.44 45.10
C PRO B 454 -5.14 32.80 43.62
N GLU B 455 -4.42 32.16 42.71
CA GLU B 455 -4.37 32.50 41.26
C GLU B 455 -5.71 32.17 40.58
N LEU B 456 -6.43 31.14 41.05
CA LEU B 456 -7.72 30.69 40.47
C LEU B 456 -8.88 31.52 41.06
N ALA B 457 -8.69 32.13 42.24
CA ALA B 457 -9.73 32.89 42.97
C ALA B 457 -10.05 34.21 42.26
N VAL B 458 -9.06 34.82 41.60
CA VAL B 458 -9.19 36.12 40.89
C VAL B 458 -9.69 35.88 39.46
N ALA B 459 -9.44 34.69 38.91
CA ALA B 459 -9.85 34.29 37.54
C ALA B 459 -11.30 33.77 37.55
N CYS B 460 -11.70 33.06 38.62
CA CYS B 460 -13.10 32.64 38.89
C CYS B 460 -13.99 33.89 38.99
N GLU B 461 -13.45 34.96 39.56
CA GLU B 461 -14.09 36.29 39.76
C GLU B 461 -14.42 36.92 38.41
N LEU B 462 -13.46 36.87 37.48
CA LEU B 462 -13.39 37.73 36.27
C LEU B 462 -14.28 37.16 35.16
N TRP B 463 -13.93 35.98 34.62
CA TRP B 463 -14.79 35.21 33.68
C TRP B 463 -15.85 34.48 34.50
N LYS B 464 -17.04 35.08 34.62
CA LYS B 464 -18.11 34.53 35.47
C LYS B 464 -18.87 33.46 34.66
N GLU B 465 -20.15 33.67 34.36
CA GLU B 465 -21.12 32.59 34.03
C GLU B 465 -21.40 32.61 32.53
N THR C 24 -1.12 -23.65 21.67
CA THR C 24 -1.54 -22.21 21.52
C THR C 24 -1.04 -21.62 20.19
N TYR C 25 -0.63 -22.47 19.24
CA TYR C 25 -0.18 -22.10 17.88
C TYR C 25 -0.99 -22.88 16.85
N TYR C 26 -1.38 -24.10 17.21
CA TYR C 26 -2.25 -24.98 16.40
C TYR C 26 -3.72 -24.72 16.76
N THR C 27 -4.44 -24.05 15.86
CA THR C 27 -5.85 -23.63 16.02
C THR C 27 -6.59 -23.90 14.70
N PRO C 28 -7.30 -25.06 14.59
CA PRO C 28 -7.92 -25.46 13.33
C PRO C 28 -9.16 -24.63 12.95
N ASP C 29 -9.85 -24.10 13.96
CA ASP C 29 -11.19 -23.45 13.83
C ASP C 29 -11.06 -22.10 13.10
N TYR C 30 -9.85 -21.54 13.08
CA TYR C 30 -9.51 -20.21 12.50
C TYR C 30 -9.85 -20.19 11.00
N THR C 31 -10.40 -19.06 10.54
CA THR C 31 -10.86 -18.83 9.14
C THR C 31 -10.06 -17.66 8.56
N PRO C 32 -9.14 -17.90 7.60
CA PRO C 32 -8.33 -16.83 7.03
C PRO C 32 -9.08 -15.57 6.55
N LYS C 33 -8.54 -14.39 6.88
CA LYS C 33 -9.00 -13.06 6.42
C LYS C 33 -8.47 -12.80 5.00
N ASP C 34 -8.85 -11.67 4.39
CA ASP C 34 -8.47 -11.29 3.00
C ASP C 34 -7.12 -10.56 3.02
N THR C 35 -6.88 -9.70 4.00
CA THR C 35 -5.59 -9.00 4.25
C THR C 35 -4.72 -9.91 5.14
N ASP C 36 -4.23 -11.01 4.57
CA ASP C 36 -3.40 -12.03 5.27
C ASP C 36 -2.57 -12.80 4.23
N ILE C 37 -1.33 -13.11 4.56
CA ILE C 37 -0.40 -13.90 3.68
C ILE C 37 -0.42 -15.35 4.14
N LEU C 38 -0.75 -16.26 3.21
CA LEU C 38 -0.99 -17.71 3.45
C LEU C 38 0.11 -18.49 2.72
N ALA C 39 0.57 -19.60 3.31
CA ALA C 39 1.71 -20.40 2.81
C ALA C 39 1.39 -21.89 2.90
N ALA C 40 1.91 -22.68 1.94
CA ALA C 40 1.75 -24.14 1.83
C ALA C 40 3.12 -24.81 1.98
N PHE C 41 3.32 -25.56 3.07
CA PHE C 41 4.57 -26.29 3.40
C PHE C 41 4.34 -27.79 3.29
N ARG C 42 5.24 -28.49 2.58
CA ARG C 42 5.30 -29.98 2.53
C ARG C 42 6.27 -30.45 3.61
N VAL C 43 5.74 -31.09 4.65
CA VAL C 43 6.47 -31.37 5.94
C VAL C 43 6.78 -32.87 6.03
N THR C 44 8.00 -33.20 6.42
CA THR C 44 8.48 -34.58 6.72
C THR C 44 9.05 -34.59 8.14
N PRO C 45 8.27 -35.00 9.16
CA PRO C 45 8.74 -34.94 10.54
C PRO C 45 9.70 -36.09 10.86
N GLN C 46 10.40 -35.99 11.99
CA GLN C 46 11.17 -37.12 12.58
C GLN C 46 10.16 -38.14 13.11
N PRO C 47 10.40 -39.46 12.96
CA PRO C 47 9.50 -40.47 13.50
C PRO C 47 9.33 -40.36 15.03
N GLY C 48 8.10 -40.53 15.51
CA GLY C 48 7.72 -40.32 16.92
C GLY C 48 7.33 -38.89 17.20
N VAL C 49 7.18 -38.06 16.16
CA VAL C 49 6.74 -36.65 16.23
C VAL C 49 5.33 -36.57 15.67
N PRO C 50 4.32 -36.12 16.47
CA PRO C 50 2.95 -36.00 15.98
C PRO C 50 2.80 -34.98 14.85
N PHE C 51 1.66 -35.00 14.16
CA PHE C 51 1.35 -34.14 12.99
C PHE C 51 0.96 -32.73 13.47
N GLU C 52 0.60 -32.56 14.76
CA GLU C 52 0.11 -31.28 15.34
C GLU C 52 1.28 -30.42 15.84
N GLU C 53 2.30 -31.02 16.46
CA GLU C 53 3.39 -30.31 17.19
C GLU C 53 4.42 -29.77 16.19
N ALA C 54 4.77 -30.54 15.15
CA ALA C 54 5.75 -30.14 14.10
C ALA C 54 5.15 -29.05 13.22
N ALA C 55 3.81 -28.97 13.15
CA ALA C 55 3.05 -27.94 12.40
C ALA C 55 2.99 -26.64 13.19
N ALA C 56 2.83 -26.73 14.52
CA ALA C 56 2.79 -25.58 15.46
C ALA C 56 4.20 -24.99 15.63
N ALA C 57 5.25 -25.76 15.31
CA ALA C 57 6.67 -25.40 15.53
C ALA C 57 7.19 -24.50 14.40
N VAL C 58 6.77 -24.74 13.15
CA VAL C 58 7.18 -23.90 11.97
C VAL C 58 6.28 -22.66 11.90
N ALA C 59 5.03 -22.76 12.35
CA ALA C 59 4.08 -21.63 12.50
C ALA C 59 4.59 -20.66 13.57
N ALA C 60 5.26 -21.18 14.61
CA ALA C 60 5.82 -20.40 15.74
C ALA C 60 7.20 -19.84 15.37
N GLU C 61 8.11 -20.69 14.91
CA GLU C 61 9.56 -20.36 14.76
C GLU C 61 9.78 -19.32 13.65
N SER C 62 8.81 -19.14 12.74
CA SER C 62 8.86 -18.11 11.67
C SER C 62 8.43 -16.74 12.20
N SER C 63 7.54 -16.68 13.19
CA SER C 63 6.94 -15.41 13.69
C SER C 63 6.60 -15.49 15.20
N THR C 64 7.15 -14.56 15.98
CA THR C 64 7.01 -14.42 17.46
C THR C 64 7.01 -15.81 18.12
N GLY C 65 8.05 -16.60 17.86
CA GLY C 65 8.25 -17.95 18.43
C GLY C 65 9.51 -18.02 19.26
N THR C 66 9.42 -18.59 20.47
CA THR C 66 10.56 -18.82 21.39
C THR C 66 10.37 -20.16 22.11
N TRP C 67 11.46 -20.88 22.33
CA TRP C 67 11.50 -22.25 22.90
C TRP C 67 10.95 -22.28 24.32
N THR C 68 11.05 -21.16 25.06
CA THR C 68 10.57 -21.02 26.46
C THR C 68 9.53 -19.89 26.54
N THR C 69 8.72 -19.91 27.61
CA THR C 69 7.82 -18.81 28.02
C THR C 69 8.67 -17.71 28.67
N VAL C 70 8.64 -16.50 28.11
CA VAL C 70 9.36 -15.30 28.64
C VAL C 70 8.32 -14.29 29.13
N TRP C 71 8.70 -13.46 30.11
CA TRP C 71 7.79 -12.53 30.85
C TRP C 71 7.37 -11.35 29.97
N THR C 72 8.19 -10.99 28.97
CA THR C 72 8.00 -9.79 28.11
C THR C 72 6.80 -9.99 27.17
N ASP C 73 6.28 -11.22 27.07
CA ASP C 73 5.14 -11.59 26.18
C ASP C 73 3.81 -11.08 26.78
N LEU C 74 3.78 -10.67 28.05
CA LEU C 74 2.54 -10.25 28.76
C LEU C 74 2.30 -8.74 28.60
N LEU C 75 3.27 -7.97 28.10
CA LEU C 75 3.11 -6.51 27.85
C LEU C 75 2.57 -6.28 26.43
N THR C 76 3.05 -7.05 25.43
CA THR C 76 2.58 -6.99 24.03
C THR C 76 1.45 -8.01 23.81
N ASP C 77 0.53 -7.73 22.88
CA ASP C 77 -0.66 -8.57 22.59
C ASP C 77 -0.26 -9.65 21.57
N LEU C 78 0.05 -10.85 22.07
CA LEU C 78 0.64 -11.98 21.29
C LEU C 78 -0.41 -12.58 20.34
N ASP C 79 -1.70 -12.50 20.71
CA ASP C 79 -2.83 -13.14 19.99
C ASP C 79 -3.01 -12.54 18.59
N ARG C 80 -2.74 -11.24 18.45
CA ARG C 80 -3.05 -10.42 17.25
C ARG C 80 -1.98 -10.63 16.17
N TYR C 81 -0.71 -10.78 16.58
CA TYR C 81 0.48 -10.78 15.70
C TYR C 81 0.85 -12.19 15.25
N LYS C 82 0.49 -13.22 16.04
CA LYS C 82 1.02 -14.60 15.86
C LYS C 82 0.47 -15.21 14.57
N GLY C 83 1.34 -15.91 13.83
CA GLY C 83 0.97 -16.84 12.76
C GLY C 83 0.54 -18.17 13.36
N ARG C 84 -0.47 -18.81 12.76
CA ARG C 84 -1.14 -20.01 13.32
C ARG C 84 -1.53 -20.96 12.18
N CYS C 85 -1.47 -22.27 12.43
CA CYS C 85 -1.85 -23.34 11.48
C CYS C 85 -3.35 -23.63 11.63
N TYR C 86 -4.12 -23.50 10.53
CA TYR C 86 -5.60 -23.59 10.51
C TYR C 86 -6.06 -24.88 9.80
N ASP C 87 -5.21 -25.51 8.99
CA ASP C 87 -5.60 -26.70 8.19
C ASP C 87 -4.38 -27.61 7.97
N ILE C 88 -4.56 -28.90 8.24
CA ILE C 88 -3.60 -30.00 7.96
C ILE C 88 -4.25 -30.96 6.95
N GLU C 89 -3.53 -31.27 5.87
CA GLU C 89 -3.96 -32.25 4.82
C GLU C 89 -2.87 -33.30 4.66
N PRO C 90 -3.15 -34.59 4.95
CA PRO C 90 -2.17 -35.65 4.72
C PRO C 90 -1.95 -35.90 3.22
N VAL C 91 -0.70 -36.01 2.79
CA VAL C 91 -0.33 -36.25 1.36
C VAL C 91 -0.72 -37.68 1.02
N PRO C 92 -1.50 -37.91 -0.06
CA PRO C 92 -1.89 -39.26 -0.47
C PRO C 92 -0.71 -40.16 -0.87
N GLY C 93 -0.67 -41.38 -0.33
CA GLY C 93 0.33 -42.43 -0.64
C GLY C 93 1.69 -42.13 -0.03
N GLU C 94 1.73 -41.39 1.08
CA GLU C 94 2.97 -40.94 1.75
C GLU C 94 2.78 -40.98 3.28
N ASP C 95 3.73 -41.60 4.00
CA ASP C 95 3.72 -41.77 5.47
C ASP C 95 4.59 -40.69 6.11
N ASN C 96 4.13 -40.08 7.21
CA ASN C 96 4.75 -38.89 7.84
C ASN C 96 5.06 -37.87 6.75
N GLN C 97 4.06 -37.55 5.93
CA GLN C 97 4.12 -36.49 4.87
C GLN C 97 2.72 -35.90 4.72
N PHE C 98 2.60 -34.59 4.98
CA PHE C 98 1.31 -33.85 5.02
C PHE C 98 1.58 -32.38 4.69
N ILE C 99 0.55 -31.69 4.20
CA ILE C 99 0.60 -30.25 3.79
C ILE C 99 0.06 -29.40 4.94
N ALA C 100 0.79 -28.33 5.29
CA ALA C 100 0.48 -27.41 6.41
C ALA C 100 0.08 -26.04 5.85
N TYR C 101 -1.04 -25.49 6.33
CA TYR C 101 -1.60 -24.16 5.95
C TYR C 101 -1.52 -23.23 7.16
N ILE C 102 -0.68 -22.20 7.07
CA ILE C 102 -0.42 -21.21 8.16
C ILE C 102 -0.81 -19.81 7.67
N ALA C 103 -1.42 -19.01 8.53
CA ALA C 103 -1.92 -17.64 8.24
C ALA C 103 -1.15 -16.63 9.10
N TYR C 104 -0.56 -15.61 8.45
CA TYR C 104 0.23 -14.53 9.10
C TYR C 104 -0.49 -13.19 8.95
N PRO C 105 -0.85 -12.52 10.07
CA PRO C 105 -1.37 -11.16 10.04
C PRO C 105 -0.51 -10.21 9.19
N LEU C 106 -1.14 -9.20 8.60
CA LEU C 106 -0.58 -8.34 7.51
C LEU C 106 0.44 -7.35 8.08
N ASP C 107 0.25 -6.93 9.33
CA ASP C 107 0.89 -5.73 9.96
C ASP C 107 2.40 -5.96 10.16
N LEU C 108 2.83 -7.20 10.39
CA LEU C 108 4.17 -7.51 10.98
C LEU C 108 5.30 -7.45 9.94
N PHE C 109 4.98 -7.35 8.63
CA PHE C 109 5.97 -7.21 7.53
C PHE C 109 6.10 -5.74 7.14
N GLU C 110 7.31 -5.34 6.70
CA GLU C 110 7.66 -3.97 6.25
C GLU C 110 7.23 -3.82 4.78
N GLU C 111 6.99 -2.57 4.35
CA GLU C 111 6.23 -2.22 3.13
C GLU C 111 7.17 -2.01 1.94
N GLY C 112 6.96 -2.77 0.85
CA GLY C 112 7.70 -2.68 -0.42
C GLY C 112 9.08 -3.28 -0.30
N SER C 113 9.20 -4.49 0.26
CA SER C 113 10.48 -5.22 0.47
C SER C 113 10.23 -6.74 0.50
N ILE C 114 10.72 -7.44 -0.52
CA ILE C 114 10.75 -8.94 -0.61
C ILE C 114 11.65 -9.47 0.51
N THR C 115 12.72 -8.73 0.82
CA THR C 115 13.79 -9.12 1.78
C THR C 115 13.17 -9.53 3.13
N ASN C 116 12.14 -8.82 3.60
CA ASN C 116 11.49 -9.06 4.93
C ASN C 116 10.59 -10.30 4.86
N VAL C 117 9.69 -10.38 3.87
CA VAL C 117 8.72 -11.51 3.73
C VAL C 117 9.52 -12.82 3.61
N LEU C 118 10.62 -12.79 2.87
CA LEU C 118 11.57 -13.92 2.72
C LEU C 118 12.20 -14.24 4.09
N THR C 119 12.59 -13.21 4.84
CA THR C 119 13.35 -13.33 6.12
C THR C 119 12.44 -13.84 7.25
N SER C 120 11.21 -13.32 7.36
CA SER C 120 10.27 -13.63 8.48
C SER C 120 9.83 -15.10 8.39
N ILE C 121 9.44 -15.56 7.21
CA ILE C 121 8.78 -16.89 7.02
C ILE C 121 9.84 -17.99 6.97
N VAL C 122 10.66 -18.03 5.91
CA VAL C 122 11.58 -19.15 5.59
C VAL C 122 13.00 -18.84 6.11
N GLY C 123 13.08 -18.33 7.35
CA GLY C 123 14.35 -17.91 7.98
C GLY C 123 15.13 -19.10 8.51
N ASN C 124 14.70 -19.66 9.65
CA ASN C 124 15.39 -20.75 10.38
C ASN C 124 14.40 -21.82 10.82
N VAL C 125 13.18 -21.82 10.27
CA VAL C 125 12.21 -22.95 10.37
C VAL C 125 12.81 -24.17 9.65
N PHE C 126 13.64 -23.92 8.64
CA PHE C 126 14.54 -24.92 7.99
C PHE C 126 15.71 -25.21 8.93
N GLY C 127 16.19 -26.46 8.90
CA GLY C 127 17.24 -26.96 9.81
C GLY C 127 16.74 -27.06 11.23
N PHE C 128 15.44 -27.37 11.42
CA PHE C 128 14.83 -27.66 12.74
C PHE C 128 15.04 -29.14 13.06
N LYS C 129 15.30 -29.45 14.33
CA LYS C 129 15.67 -30.82 14.82
C LYS C 129 14.43 -31.72 14.82
N ALA C 130 13.23 -31.14 14.86
CA ALA C 130 11.92 -31.85 14.97
C ALA C 130 11.52 -32.48 13.64
N LEU C 131 12.27 -32.23 12.56
CA LEU C 131 11.85 -32.55 11.17
C LEU C 131 13.07 -32.69 10.25
N ARG C 132 13.02 -33.65 9.31
CA ARG C 132 14.15 -34.07 8.45
C ARG C 132 14.17 -33.25 7.16
N ALA C 133 13.01 -33.08 6.53
CA ALA C 133 12.84 -32.45 5.20
C ALA C 133 11.65 -31.48 5.24
N LEU C 134 11.78 -30.35 4.54
CA LEU C 134 10.79 -29.25 4.51
C LEU C 134 10.84 -28.56 3.15
N ARG C 135 9.69 -28.21 2.58
CA ARG C 135 9.59 -27.61 1.23
C ARG C 135 8.42 -26.62 1.19
N LEU C 136 8.70 -25.34 0.93
CA LEU C 136 7.67 -24.33 0.62
C LEU C 136 7.18 -24.55 -0.82
N GLU C 137 5.88 -24.82 -0.97
CA GLU C 137 5.24 -25.15 -2.27
C GLU C 137 4.69 -23.88 -2.93
N ASP C 138 4.02 -23.02 -2.15
CA ASP C 138 3.30 -21.84 -2.68
C ASP C 138 3.15 -20.77 -1.59
N ILE C 139 2.71 -19.57 -2.00
CA ILE C 139 2.65 -18.34 -1.16
C ILE C 139 1.60 -17.40 -1.79
N ARG C 140 0.55 -17.04 -1.05
CA ARG C 140 -0.51 -16.12 -1.55
C ARG C 140 -0.29 -14.72 -0.99
N PHE C 141 -0.42 -13.72 -1.86
CA PHE C 141 -0.31 -12.27 -1.53
C PHE C 141 -1.70 -11.65 -1.56
N PRO C 142 -2.17 -11.12 -0.41
CA PRO C 142 -3.36 -10.27 -0.40
C PRO C 142 -3.07 -9.00 -1.21
N VAL C 143 -4.12 -8.45 -1.81
CA VAL C 143 -4.05 -7.32 -2.78
C VAL C 143 -3.50 -6.06 -2.08
N ALA C 144 -3.85 -5.88 -0.80
CA ALA C 144 -3.45 -4.72 0.03
C ALA C 144 -1.92 -4.60 0.09
N TYR C 145 -1.22 -5.74 0.21
CA TYR C 145 0.25 -5.83 0.30
C TYR C 145 0.89 -5.61 -1.08
N ILE C 146 0.22 -6.10 -2.13
CA ILE C 146 0.67 -6.07 -3.55
C ILE C 146 0.87 -4.62 -4.02
N LYS C 147 0.13 -3.67 -3.43
CA LYS C 147 0.04 -2.26 -3.89
C LYS C 147 1.29 -1.45 -3.50
N THR C 148 2.00 -1.84 -2.43
CA THR C 148 3.15 -1.09 -1.87
C THR C 148 4.33 -1.10 -2.85
N PHE C 149 4.45 -2.18 -3.65
CA PHE C 149 5.58 -2.41 -4.58
C PHE C 149 5.38 -1.61 -5.87
N GLN C 150 6.49 -1.44 -6.59
CA GLN C 150 6.51 -0.91 -7.98
C GLN C 150 6.07 -2.02 -8.93
N GLY C 151 6.58 -3.24 -8.73
CA GLY C 151 6.38 -4.37 -9.64
C GLY C 151 7.22 -4.21 -10.89
N PRO C 152 6.75 -4.68 -12.07
CA PRO C 152 7.53 -4.58 -13.31
C PRO C 152 7.68 -3.12 -13.73
N PRO C 153 8.87 -2.68 -14.21
CA PRO C 153 9.07 -1.29 -14.60
C PRO C 153 8.22 -0.90 -15.81
N HIS C 154 7.81 -1.89 -16.62
CA HIS C 154 7.03 -1.69 -17.87
C HIS C 154 5.94 -2.77 -17.95
N GLY C 155 6.33 -4.02 -18.18
CA GLY C 155 5.41 -5.14 -18.45
C GLY C 155 5.37 -5.48 -19.92
N ILE C 156 4.52 -6.43 -20.31
CA ILE C 156 4.42 -6.99 -21.69
C ILE C 156 3.90 -5.92 -22.65
N GLN C 157 2.72 -5.38 -22.36
CA GLN C 157 1.94 -4.44 -23.22
C GLN C 157 2.80 -3.22 -23.55
N VAL C 158 3.51 -2.71 -22.55
CA VAL C 158 4.38 -1.51 -22.58
C VAL C 158 5.60 -1.80 -23.47
N GLU C 159 6.13 -3.02 -23.34
CA GLU C 159 7.42 -3.48 -23.92
C GLU C 159 7.28 -3.65 -25.43
N ARG C 160 6.19 -4.28 -25.89
CA ARG C 160 5.86 -4.46 -27.33
C ARG C 160 5.74 -3.11 -28.02
N ASP C 161 5.27 -2.09 -27.30
CA ASP C 161 4.97 -0.74 -27.84
C ASP C 161 6.26 0.05 -28.09
N LYS C 162 7.31 -0.18 -27.28
CA LYS C 162 8.62 0.51 -27.40
C LYS C 162 9.43 -0.08 -28.55
N LEU C 163 9.19 -1.35 -28.89
CA LEU C 163 9.98 -2.15 -29.86
C LEU C 163 9.24 -2.25 -31.20
N ASN C 164 7.91 -2.02 -31.20
CA ASN C 164 7.05 -1.99 -32.41
C ASN C 164 7.02 -3.38 -33.06
N LYS C 165 6.73 -4.42 -32.27
CA LYS C 165 6.68 -5.83 -32.72
C LYS C 165 5.38 -6.47 -32.25
N TYR C 166 4.58 -7.00 -33.17
CA TYR C 166 3.22 -7.55 -32.91
C TYR C 166 3.04 -8.88 -33.64
N GLY C 167 2.11 -9.69 -33.14
CA GLY C 167 1.68 -10.97 -33.74
C GLY C 167 2.46 -12.15 -33.21
N ARG C 168 3.78 -12.03 -33.09
CA ARG C 168 4.70 -13.18 -33.09
C ARG C 168 5.56 -13.22 -31.83
N PRO C 169 6.01 -14.43 -31.43
CA PRO C 169 7.05 -14.58 -30.42
C PRO C 169 8.37 -13.93 -30.87
N LEU C 170 9.14 -13.40 -29.92
CA LEU C 170 10.40 -12.67 -30.19
C LEU C 170 11.58 -13.64 -30.09
N LEU C 171 12.62 -13.40 -30.89
CA LEU C 171 13.74 -14.34 -31.12
C LEU C 171 15.05 -13.74 -30.57
N GLY C 172 15.68 -14.45 -29.64
CA GLY C 172 16.95 -14.06 -29.00
C GLY C 172 18.06 -15.03 -29.34
N CYS C 173 19.30 -14.67 -29.01
CA CYS C 173 20.53 -15.44 -29.37
C CYS C 173 21.61 -15.24 -28.30
N THR C 174 22.18 -16.35 -27.84
CA THR C 174 23.28 -16.41 -26.84
C THR C 174 24.59 -16.68 -27.58
N ILE C 175 25.58 -15.79 -27.44
CA ILE C 175 26.89 -15.89 -28.16
C ILE C 175 27.71 -16.99 -27.48
N LYS C 176 28.24 -17.92 -28.28
CA LYS C 176 29.12 -19.03 -27.84
C LYS C 176 30.46 -18.88 -28.56
N PRO C 177 31.61 -19.12 -27.88
CA PRO C 177 31.64 -19.66 -26.52
C PRO C 177 31.41 -18.62 -25.41
N LYS C 178 31.22 -19.11 -24.17
CA LYS C 178 30.80 -18.29 -22.99
C LYS C 178 31.93 -17.33 -22.58
N LEU C 179 33.16 -17.83 -22.40
CA LEU C 179 34.36 -17.00 -22.10
C LEU C 179 35.50 -17.38 -23.06
N GLY C 180 36.09 -16.38 -23.73
CA GLY C 180 37.25 -16.59 -24.64
C GLY C 180 37.43 -15.45 -25.63
N LEU C 181 36.35 -14.99 -26.28
CA LEU C 181 36.38 -14.01 -27.40
C LEU C 181 36.86 -12.64 -26.89
N SER C 182 37.55 -11.89 -27.77
CA SER C 182 37.95 -10.48 -27.55
C SER C 182 36.71 -9.59 -27.70
N ALA C 183 36.80 -8.33 -27.24
CA ALA C 183 35.71 -7.33 -27.27
C ALA C 183 35.26 -7.06 -28.71
N LYS C 184 36.21 -7.07 -29.66
CA LYS C 184 35.97 -6.79 -31.10
C LYS C 184 35.31 -8.02 -31.75
N ASN C 185 35.84 -9.22 -31.47
CA ASN C 185 35.34 -10.52 -32.01
C ASN C 185 33.90 -10.75 -31.54
N TYR C 186 33.62 -10.36 -30.28
CA TYR C 186 32.26 -10.36 -29.68
C TYR C 186 31.36 -9.41 -30.49
N GLY C 187 31.87 -8.22 -30.81
CA GLY C 187 31.18 -7.17 -31.56
C GLY C 187 30.76 -7.61 -32.96
N ARG C 188 31.54 -8.50 -33.60
CA ARG C 188 31.31 -8.97 -34.98
C ARG C 188 30.38 -10.19 -34.98
N ALA C 189 30.55 -11.10 -34.01
CA ALA C 189 29.72 -12.32 -33.83
C ALA C 189 28.28 -11.91 -33.52
N VAL C 190 28.08 -10.74 -32.91
CA VAL C 190 26.74 -10.15 -32.61
C VAL C 190 26.18 -9.49 -33.86
N TYR C 191 27.03 -8.91 -34.72
CA TYR C 191 26.63 -8.16 -35.94
C TYR C 191 25.98 -9.10 -36.96
N GLU C 192 26.58 -10.28 -37.19
CA GLU C 192 26.14 -11.26 -38.23
C GLU C 192 24.78 -11.87 -37.87
N CYS C 193 24.45 -11.96 -36.58
CA CYS C 193 23.24 -12.66 -36.06
C CYS C 193 21.99 -11.79 -36.23
N LEU C 194 22.05 -10.51 -35.84
CA LEU C 194 20.92 -9.55 -35.94
C LEU C 194 20.69 -9.14 -37.40
N ARG C 195 21.72 -9.31 -38.23
CA ARG C 195 21.72 -9.01 -39.69
C ARG C 195 20.75 -9.96 -40.42
N GLY C 196 20.84 -11.25 -40.10
CA GLY C 196 19.98 -12.31 -40.68
C GLY C 196 18.50 -12.06 -40.38
N GLY C 197 18.19 -11.73 -39.12
CA GLY C 197 16.85 -11.30 -38.70
C GLY C 197 16.45 -11.82 -37.32
N LEU C 198 17.38 -11.81 -36.36
CA LEU C 198 17.08 -12.01 -34.92
C LEU C 198 16.63 -10.68 -34.33
N ASP C 199 15.74 -10.72 -33.35
CA ASP C 199 15.31 -9.51 -32.59
C ASP C 199 16.44 -9.09 -31.65
N PHE C 200 17.03 -10.04 -30.92
CA PHE C 200 17.95 -9.76 -29.79
C PHE C 200 19.17 -10.70 -29.80
N THR C 201 20.20 -10.25 -29.08
CA THR C 201 21.43 -11.00 -28.74
C THR C 201 21.69 -10.81 -27.25
N LYS C 202 22.44 -11.74 -26.66
CA LYS C 202 22.48 -11.90 -25.21
C LYS C 202 23.89 -12.22 -24.75
N ASP C 203 24.26 -11.63 -23.61
CA ASP C 203 25.51 -11.94 -22.93
C ASP C 203 25.29 -13.15 -22.00
N ASP C 204 26.33 -13.97 -21.81
CA ASP C 204 26.29 -15.19 -20.96
C ASP C 204 26.32 -14.79 -19.48
N GLU C 205 25.90 -15.71 -18.60
CA GLU C 205 25.56 -15.40 -17.18
C GLU C 205 26.83 -15.27 -16.31
N ASN C 206 28.00 -15.71 -16.81
CA ASN C 206 29.27 -15.73 -16.03
C ASN C 206 30.25 -14.67 -16.56
N ILE C 207 29.98 -14.08 -17.73
CA ILE C 207 30.76 -12.90 -18.23
C ILE C 207 30.36 -11.70 -17.37
N ASN C 208 31.32 -11.07 -16.70
CA ASN C 208 31.12 -9.84 -15.88
C ASN C 208 32.14 -8.79 -16.33
N SER C 209 33.27 -8.69 -15.63
CA SER C 209 34.45 -7.89 -16.05
C SER C 209 35.69 -8.79 -16.02
N ALA C 210 35.70 -9.82 -16.87
CA ALA C 210 36.81 -10.78 -17.05
C ALA C 210 38.03 -10.04 -17.58
N PRO C 211 39.26 -10.39 -17.13
CA PRO C 211 40.47 -9.77 -17.64
C PRO C 211 40.63 -9.70 -19.16
N PHE C 212 40.14 -10.70 -19.90
CA PHE C 212 40.35 -10.85 -21.37
C PHE C 212 39.51 -9.84 -22.15
N GLN C 213 38.26 -9.60 -21.73
CA GLN C 213 37.42 -8.49 -22.25
C GLN C 213 36.83 -7.71 -21.07
N ARG C 214 37.27 -6.46 -20.89
CA ARG C 214 36.71 -5.51 -19.90
C ARG C 214 35.33 -5.06 -20.40
N TRP C 215 34.44 -4.73 -19.46
CA TRP C 215 33.00 -4.45 -19.70
C TRP C 215 32.84 -3.24 -20.63
N ARG C 216 33.67 -2.20 -20.42
CA ARG C 216 33.55 -0.88 -21.10
C ARG C 216 33.88 -1.02 -22.58
N ASP C 217 34.82 -1.91 -22.93
CA ASP C 217 35.23 -2.21 -24.32
C ASP C 217 34.10 -3.00 -25.00
N ARG C 218 33.58 -4.03 -24.34
CA ARG C 218 32.45 -4.86 -24.83
C ARG C 218 31.23 -3.97 -25.08
N PHE C 219 31.00 -2.99 -24.21
CA PHE C 219 29.84 -2.05 -24.26
C PHE C 219 29.95 -1.10 -25.46
N LEU C 220 31.17 -0.86 -25.95
CA LEU C 220 31.45 0.14 -27.02
C LEU C 220 31.35 -0.50 -28.42
N PHE C 221 31.78 -1.75 -28.57
CA PHE C 221 31.83 -2.48 -29.87
C PHE C 221 30.44 -3.00 -30.23
N VAL C 222 29.67 -3.45 -29.23
CA VAL C 222 28.26 -3.92 -29.39
C VAL C 222 27.40 -2.74 -29.83
N ALA C 223 27.77 -1.51 -29.45
CA ALA C 223 27.08 -0.24 -29.81
C ALA C 223 27.25 0.05 -31.30
N ASP C 224 28.41 -0.31 -31.89
CA ASP C 224 28.76 -0.06 -33.30
C ASP C 224 28.01 -1.04 -34.22
N ALA C 225 27.76 -2.27 -33.74
CA ALA C 225 27.19 -3.38 -34.53
C ALA C 225 25.65 -3.31 -34.56
N ILE C 226 25.02 -2.76 -33.52
CA ILE C 226 23.52 -2.58 -33.46
C ILE C 226 23.10 -1.49 -34.44
N THR C 227 23.81 -0.35 -34.44
CA THR C 227 23.52 0.83 -35.32
C THR C 227 23.71 0.44 -36.79
N LYS C 228 24.66 -0.47 -37.05
CA LYS C 228 25.04 -0.97 -38.40
C LYS C 228 23.88 -1.80 -38.98
N ALA C 229 23.40 -2.80 -38.23
CA ALA C 229 22.34 -3.75 -38.63
C ALA C 229 20.96 -3.10 -38.52
N GLN C 230 20.85 -2.00 -37.77
CA GLN C 230 19.60 -1.19 -37.64
C GLN C 230 19.34 -0.44 -38.95
N ALA C 231 20.37 0.22 -39.50
CA ALA C 231 20.32 1.00 -40.76
C ALA C 231 20.28 0.06 -41.97
N GLU C 232 20.59 -1.23 -41.77
CA GLU C 232 20.62 -2.27 -42.84
C GLU C 232 19.21 -2.82 -43.06
N THR C 233 18.73 -3.67 -42.12
CA THR C 233 17.48 -4.46 -42.25
C THR C 233 16.25 -3.55 -42.13
N GLY C 234 16.36 -2.47 -41.34
CA GLY C 234 15.32 -1.44 -41.19
C GLY C 234 14.35 -1.73 -40.05
N GLU C 235 14.81 -2.47 -39.04
CA GLU C 235 14.03 -2.87 -37.84
C GLU C 235 14.75 -2.40 -36.58
N ILE C 236 14.05 -2.35 -35.45
CA ILE C 236 14.64 -2.04 -34.11
C ILE C 236 15.29 -3.33 -33.59
N LYS C 237 16.61 -3.29 -33.34
CA LYS C 237 17.40 -4.42 -32.81
C LYS C 237 17.90 -4.06 -31.40
N GLY C 238 18.25 -5.08 -30.61
CA GLY C 238 18.71 -4.93 -29.22
C GLY C 238 19.74 -5.99 -28.87
N HIS C 239 20.41 -5.80 -27.72
CA HIS C 239 21.34 -6.76 -27.10
C HIS C 239 21.30 -6.59 -25.58
N TYR C 240 21.13 -7.69 -24.84
CA TYR C 240 21.12 -7.66 -23.35
C TYR C 240 22.56 -7.51 -22.86
N LEU C 241 22.85 -6.37 -22.25
CA LEU C 241 24.17 -6.04 -21.67
C LEU C 241 24.16 -6.40 -20.18
N ASN C 242 24.78 -7.53 -19.82
CA ASN C 242 24.86 -8.02 -18.43
C ASN C 242 25.53 -6.95 -17.57
N VAL C 243 24.81 -6.50 -16.55
CA VAL C 243 25.14 -5.33 -15.68
C VAL C 243 25.67 -5.86 -14.34
N THR C 244 25.32 -7.11 -13.99
CA THR C 244 25.63 -7.76 -12.70
C THR C 244 27.07 -7.45 -12.30
N ALA C 245 27.25 -6.83 -11.13
CA ALA C 245 28.52 -6.28 -10.61
C ALA C 245 28.64 -6.61 -9.12
N PRO C 246 29.88 -6.68 -8.57
CA PRO C 246 30.08 -7.05 -7.17
C PRO C 246 29.50 -6.04 -6.15
N THR C 247 29.70 -4.74 -6.37
CA THR C 247 29.21 -3.64 -5.48
C THR C 247 28.09 -2.86 -6.19
N CYS C 248 27.39 -2.01 -5.44
CA CYS C 248 26.17 -1.27 -5.88
C CYS C 248 26.54 0.04 -6.59
N GLU C 249 27.73 0.59 -6.35
CA GLU C 249 28.26 1.77 -7.08
C GLU C 249 28.55 1.37 -8.53
N GLU C 250 29.39 0.33 -8.69
CA GLU C 250 29.84 -0.22 -9.99
C GLU C 250 28.62 -0.53 -10.88
N MET C 251 27.61 -1.18 -10.30
CA MET C 251 26.37 -1.60 -10.99
C MET C 251 25.66 -0.38 -11.60
N LEU C 252 25.45 0.67 -10.79
CA LEU C 252 24.77 1.93 -11.21
C LEU C 252 25.63 2.67 -12.24
N LYS C 253 26.96 2.59 -12.09
CA LYS C 253 27.95 3.36 -12.88
C LYS C 253 28.10 2.75 -14.29
N ARG C 254 28.09 1.42 -14.38
CA ARG C 254 28.06 0.65 -15.65
C ARG C 254 26.77 0.97 -16.43
N ALA C 255 25.66 1.11 -15.70
CA ALA C 255 24.30 1.36 -16.25
C ALA C 255 24.21 2.80 -16.76
N GLU C 256 24.88 3.74 -16.09
CA GLU C 256 25.00 5.16 -16.53
C GLU C 256 25.57 5.20 -17.96
N TYR C 257 26.42 4.22 -18.31
CA TYR C 257 27.13 4.13 -19.60
C TYR C 257 26.24 3.50 -20.70
N ALA C 258 25.38 2.54 -20.34
CA ALA C 258 24.46 1.85 -21.28
C ALA C 258 23.36 2.82 -21.73
N LYS C 259 22.82 3.62 -20.79
CA LYS C 259 21.87 4.74 -21.05
C LYS C 259 22.53 5.74 -22.01
N GLU C 260 23.84 5.94 -21.87
CA GLU C 260 24.64 6.98 -22.60
C GLU C 260 24.82 6.57 -24.07
N LEU C 261 24.87 5.27 -24.36
CA LEU C 261 25.00 4.72 -25.75
C LEU C 261 23.60 4.41 -26.32
N LYS C 262 22.54 4.81 -25.61
CA LYS C 262 21.11 4.71 -26.06
C LYS C 262 20.77 3.24 -26.30
N GLN C 263 20.92 2.40 -25.26
CA GLN C 263 20.63 0.95 -25.32
C GLN C 263 19.24 0.69 -24.74
N PRO C 264 18.34 0.03 -25.51
CA PRO C 264 16.96 -0.18 -25.08
C PRO C 264 16.85 -1.21 -23.94
N ILE C 265 17.84 -2.08 -23.80
CA ILE C 265 17.79 -3.23 -22.85
C ILE C 265 19.15 -3.50 -22.23
N ILE C 266 19.11 -3.99 -20.99
CA ILE C 266 20.22 -4.57 -20.19
C ILE C 266 19.64 -5.79 -19.48
N MET C 267 20.45 -6.50 -18.70
CA MET C 267 20.00 -7.74 -18.02
C MET C 267 20.77 -7.95 -16.72
N HIS C 268 20.22 -8.76 -15.82
CA HIS C 268 20.71 -8.96 -14.44
C HIS C 268 20.35 -10.37 -13.95
N ASP C 269 21.19 -10.94 -13.09
CA ASP C 269 20.91 -12.20 -12.36
C ASP C 269 20.56 -11.83 -10.91
N TYR C 270 19.32 -12.11 -10.51
CA TYR C 270 18.64 -11.57 -9.29
C TYR C 270 18.98 -12.44 -8.06
N LEU C 271 19.03 -13.76 -8.24
CA LEU C 271 19.28 -14.75 -7.15
C LEU C 271 20.69 -14.54 -6.58
N THR C 272 21.69 -14.34 -7.46
CA THR C 272 23.13 -14.33 -7.14
C THR C 272 23.55 -12.98 -6.55
N ALA C 273 23.05 -11.86 -7.10
CA ALA C 273 23.35 -10.49 -6.66
C ALA C 273 22.58 -10.17 -5.37
N GLY C 274 21.44 -10.83 -5.15
CA GLY C 274 20.54 -10.61 -4.01
C GLY C 274 19.35 -9.75 -4.39
N PHE C 275 18.29 -9.79 -3.59
CA PHE C 275 16.99 -9.10 -3.85
C PHE C 275 17.16 -7.58 -3.68
N THR C 276 17.99 -7.14 -2.74
CA THR C 276 18.22 -5.70 -2.42
C THR C 276 19.00 -5.04 -3.57
N ALA C 277 19.99 -5.74 -4.14
CA ALA C 277 20.75 -5.31 -5.34
C ALA C 277 19.77 -5.12 -6.51
N ASN C 278 18.92 -6.14 -6.72
CA ASN C 278 17.92 -6.20 -7.82
C ASN C 278 16.85 -5.10 -7.66
N THR C 279 16.65 -4.61 -6.42
CA THR C 279 15.57 -3.65 -6.05
C THR C 279 15.95 -2.23 -6.48
N THR C 280 17.12 -1.72 -6.03
CA THR C 280 17.60 -0.33 -6.29
C THR C 280 17.73 -0.11 -7.81
N LEU C 281 18.07 -1.18 -8.52
CA LEU C 281 18.20 -1.27 -10.00
C LEU C 281 16.86 -0.98 -10.69
N ALA C 282 15.81 -1.72 -10.32
CA ALA C 282 14.46 -1.67 -10.94
C ALA C 282 13.85 -0.27 -10.76
N ARG C 283 14.02 0.33 -9.57
CA ARG C 283 13.62 1.72 -9.27
C ARG C 283 14.32 2.66 -10.27
N TRP C 284 15.63 2.49 -10.41
CA TRP C 284 16.50 3.24 -11.36
C TRP C 284 16.00 3.03 -12.79
N CYS C 285 15.65 1.80 -13.16
CA CYS C 285 15.27 1.40 -14.55
C CYS C 285 13.93 2.03 -14.94
N ARG C 286 12.96 2.07 -14.02
CA ARG C 286 11.66 2.77 -14.20
C ARG C 286 11.91 4.28 -14.30
N ASP C 287 12.91 4.79 -13.57
CA ASP C 287 13.33 6.22 -13.56
C ASP C 287 13.84 6.63 -14.96
N ASN C 288 14.40 5.68 -15.72
CA ASN C 288 15.22 5.96 -16.93
C ASN C 288 14.62 5.32 -18.19
N GLY C 289 13.67 4.37 -18.05
CA GLY C 289 12.94 3.76 -19.18
C GLY C 289 13.80 2.81 -19.99
N VAL C 290 14.61 1.98 -19.33
CA VAL C 290 15.37 0.86 -19.94
C VAL C 290 14.70 -0.44 -19.52
N LEU C 291 14.50 -1.36 -20.48
CA LEU C 291 13.90 -2.69 -20.25
C LEU C 291 14.97 -3.61 -19.67
N LEU C 292 14.61 -4.40 -18.65
CA LEU C 292 15.56 -5.28 -17.92
C LEU C 292 15.18 -6.74 -18.18
N HIS C 293 16.15 -7.54 -18.63
CA HIS C 293 16.08 -9.01 -18.70
C HIS C 293 16.63 -9.60 -17.40
N ILE C 294 16.00 -10.66 -16.90
CA ILE C 294 16.47 -11.39 -15.68
C ILE C 294 16.77 -12.84 -16.04
N HIS C 295 18.02 -13.25 -15.80
CA HIS C 295 18.44 -14.68 -15.88
C HIS C 295 18.26 -15.32 -14.51
N ARG C 296 17.85 -16.59 -14.51
CA ARG C 296 17.49 -17.37 -13.30
C ARG C 296 18.68 -18.25 -12.88
N ALA C 297 19.90 -17.71 -12.95
CA ALA C 297 21.15 -18.42 -12.61
C ALA C 297 21.07 -18.92 -11.17
N MET C 298 21.45 -20.18 -10.93
CA MET C 298 21.61 -20.79 -9.58
C MET C 298 20.23 -21.18 -9.01
N HIS C 299 19.25 -21.47 -9.86
CA HIS C 299 17.88 -21.87 -9.45
C HIS C 299 17.85 -23.36 -9.09
N ALA C 300 18.67 -24.17 -9.75
CA ALA C 300 18.59 -25.65 -9.77
C ALA C 300 18.98 -26.27 -8.41
N VAL C 301 19.57 -25.50 -7.50
CA VAL C 301 20.11 -26.02 -6.20
C VAL C 301 18.99 -25.98 -5.15
N ILE C 302 18.04 -25.05 -5.24
CA ILE C 302 16.93 -24.89 -4.26
C ILE C 302 15.72 -25.75 -4.69
N ASP C 303 15.26 -25.58 -5.95
CA ASP C 303 13.91 -26.02 -6.41
C ASP C 303 13.95 -27.43 -7.03
N ARG C 304 15.10 -28.11 -6.98
CA ARG C 304 15.31 -29.40 -7.68
C ARG C 304 14.56 -30.52 -6.95
N GLN C 305 14.81 -30.64 -5.65
CA GLN C 305 14.32 -31.76 -4.80
C GLN C 305 12.85 -31.52 -4.44
N LYS C 306 12.05 -32.59 -4.53
CA LYS C 306 10.58 -32.57 -4.36
C LYS C 306 10.22 -32.69 -2.87
N ASN C 307 11.21 -32.98 -2.01
CA ASN C 307 11.04 -33.14 -0.54
C ASN C 307 11.60 -31.92 0.19
N HIS C 308 12.56 -31.20 -0.41
CA HIS C 308 13.36 -30.16 0.26
C HIS C 308 13.58 -28.96 -0.68
N GLY C 309 13.50 -27.74 -0.13
CA GLY C 309 13.76 -26.47 -0.83
C GLY C 309 12.52 -25.59 -0.87
N ILE C 310 12.45 -24.72 -1.88
CA ILE C 310 11.28 -23.85 -2.20
C ILE C 310 10.95 -24.05 -3.68
N HIS C 311 9.67 -24.17 -4.03
CA HIS C 311 9.23 -24.33 -5.44
C HIS C 311 9.45 -23.01 -6.20
N PHE C 312 9.76 -23.13 -7.49
CA PHE C 312 10.12 -22.01 -8.41
C PHE C 312 8.99 -20.97 -8.49
N ARG C 313 7.73 -21.41 -8.39
CA ARG C 313 6.52 -20.55 -8.53
C ARG C 313 6.52 -19.47 -7.45
N VAL C 314 7.02 -19.78 -6.25
CA VAL C 314 7.18 -18.82 -5.11
C VAL C 314 8.16 -17.71 -5.56
N LEU C 315 9.28 -18.12 -6.16
CA LEU C 315 10.40 -17.23 -6.59
C LEU C 315 9.97 -16.40 -7.80
N ALA C 316 9.08 -16.95 -8.64
CA ALA C 316 8.53 -16.30 -9.85
C ALA C 316 7.64 -15.11 -9.44
N LYS C 317 6.72 -15.35 -8.48
CA LYS C 317 5.90 -14.29 -7.83
C LYS C 317 6.83 -13.20 -7.30
N ALA C 318 7.77 -13.60 -6.44
CA ALA C 318 8.77 -12.72 -5.77
C ALA C 318 9.48 -11.85 -6.81
N LEU C 319 9.75 -12.41 -7.99
CA LEU C 319 10.38 -11.69 -9.14
C LEU C 319 9.38 -10.66 -9.68
N ARG C 320 8.16 -11.10 -10.04
CA ARG C 320 7.08 -10.23 -10.60
C ARG C 320 6.92 -9.00 -9.71
N LEU C 321 7.08 -9.17 -8.39
CA LEU C 321 6.82 -8.14 -7.35
C LEU C 321 8.05 -7.23 -7.19
N SER C 322 9.24 -7.82 -7.08
CA SER C 322 10.55 -7.12 -7.15
C SER C 322 10.57 -6.24 -8.40
N GLY C 323 10.07 -6.78 -9.51
CA GLY C 323 10.07 -6.15 -10.84
C GLY C 323 10.93 -6.94 -11.82
N GLY C 324 10.60 -6.86 -13.11
CA GLY C 324 11.27 -7.59 -14.19
C GLY C 324 10.38 -7.66 -15.42
N ASP C 325 10.93 -7.34 -16.59
CA ASP C 325 10.18 -7.31 -17.88
C ASP C 325 10.28 -8.70 -18.55
N HIS C 326 11.38 -9.41 -18.35
CA HIS C 326 11.60 -10.79 -18.87
C HIS C 326 12.09 -11.71 -17.74
N ILE C 327 11.87 -13.01 -17.91
CA ILE C 327 12.26 -14.06 -16.92
C ILE C 327 12.38 -15.41 -17.63
N HIS C 328 13.45 -16.15 -17.33
CA HIS C 328 13.70 -17.53 -17.80
C HIS C 328 12.76 -18.50 -17.08
N THR C 329 12.04 -19.33 -17.84
CA THR C 329 11.01 -20.27 -17.32
C THR C 329 11.47 -21.73 -17.49
N GLY C 330 12.38 -22.00 -18.42
CA GLY C 330 12.92 -23.34 -18.69
C GLY C 330 12.11 -24.07 -19.75
N THR C 331 12.77 -24.91 -20.55
CA THR C 331 12.21 -25.55 -21.77
C THR C 331 11.46 -26.83 -21.38
N VAL C 332 10.41 -27.17 -22.13
CA VAL C 332 9.70 -28.48 -22.07
C VAL C 332 10.14 -29.32 -23.28
N ARG C 340 5.73 -30.39 -17.07
CA ARG C 340 4.93 -29.84 -18.20
C ARG C 340 3.61 -29.27 -17.67
N GLY C 341 2.85 -30.07 -16.91
CA GLY C 341 1.65 -29.64 -16.19
C GLY C 341 1.99 -28.60 -15.13
N ILE C 342 3.23 -28.67 -14.62
CA ILE C 342 3.79 -27.81 -13.53
C ILE C 342 4.28 -26.49 -14.13
N THR C 343 4.89 -26.55 -15.32
CA THR C 343 5.56 -25.41 -16.01
C THR C 343 4.52 -24.41 -16.51
N MET C 344 3.36 -24.88 -16.99
CA MET C 344 2.24 -24.01 -17.47
C MET C 344 1.49 -23.40 -16.27
N GLY C 345 1.65 -23.99 -15.08
CA GLY C 345 1.09 -23.47 -13.83
C GLY C 345 1.63 -22.10 -13.49
N PHE C 346 2.96 -21.95 -13.49
CA PHE C 346 3.67 -20.71 -13.06
C PHE C 346 3.93 -19.79 -14.26
N VAL C 347 3.60 -20.21 -15.50
CA VAL C 347 3.69 -19.36 -16.73
C VAL C 347 2.42 -18.50 -16.83
N ASP C 348 1.24 -19.12 -16.67
CA ASP C 348 -0.07 -18.41 -16.67
C ASP C 348 -0.21 -17.59 -15.39
N LEU C 349 0.62 -17.88 -14.38
CA LEU C 349 0.65 -17.19 -13.06
C LEU C 349 1.39 -15.84 -13.19
N LEU C 350 2.34 -15.73 -14.13
CA LEU C 350 3.17 -14.51 -14.34
C LEU C 350 2.56 -13.60 -15.40
N ARG C 351 1.68 -14.11 -16.27
CA ARG C 351 1.13 -13.36 -17.43
C ARG C 351 -0.28 -12.86 -17.13
N GLU C 352 -1.14 -13.69 -16.54
CA GLU C 352 -2.58 -13.36 -16.32
C GLU C 352 -2.74 -12.42 -15.12
N ASN C 353 -3.78 -11.58 -15.17
CA ASN C 353 -4.17 -10.63 -14.09
C ASN C 353 -4.84 -11.40 -12.96
N TYR C 354 -5.64 -12.41 -13.30
CA TYR C 354 -6.39 -13.27 -12.34
C TYR C 354 -6.19 -14.74 -12.70
N VAL C 355 -5.80 -15.55 -11.71
CA VAL C 355 -5.56 -17.02 -11.86
C VAL C 355 -6.29 -17.75 -10.72
N GLU C 356 -6.94 -18.86 -11.06
CA GLU C 356 -7.85 -19.64 -10.17
C GLU C 356 -7.06 -20.80 -9.55
N GLN C 357 -7.49 -21.26 -8.37
CA GLN C 357 -6.88 -22.41 -7.63
C GLN C 357 -7.08 -23.69 -8.44
N ASP C 358 -5.97 -24.38 -8.78
CA ASP C 358 -5.97 -25.67 -9.52
C ASP C 358 -4.86 -26.56 -8.94
N LYS C 359 -5.26 -27.61 -8.20
CA LYS C 359 -4.35 -28.46 -7.38
C LYS C 359 -3.57 -29.42 -8.28
N SER C 360 -4.12 -29.79 -9.44
CA SER C 360 -3.48 -30.71 -10.42
C SER C 360 -2.34 -29.98 -11.16
N ARG C 361 -2.54 -28.71 -11.48
CA ARG C 361 -1.58 -27.81 -12.16
C ARG C 361 -0.38 -27.55 -11.22
N GLY C 362 -0.65 -27.40 -9.93
CA GLY C 362 0.37 -27.19 -8.87
C GLY C 362 0.09 -25.97 -8.01
N ILE C 363 -1.04 -25.27 -8.24
CA ILE C 363 -1.39 -23.97 -7.58
C ILE C 363 -2.35 -24.25 -6.41
N TYR C 364 -1.98 -23.80 -5.20
CA TYR C 364 -2.68 -24.12 -3.93
C TYR C 364 -3.66 -23.01 -3.53
N PHE C 365 -3.40 -21.76 -3.93
CA PHE C 365 -4.15 -20.55 -3.49
C PHE C 365 -4.65 -19.75 -4.69
N THR C 366 -5.70 -18.96 -4.46
CA THR C 366 -6.26 -17.97 -5.42
C THR C 366 -5.47 -16.67 -5.31
N GLN C 367 -4.61 -16.39 -6.28
CA GLN C 367 -3.83 -15.13 -6.36
C GLN C 367 -4.57 -14.13 -7.27
N ASP C 368 -4.67 -12.88 -6.83
CA ASP C 368 -5.31 -11.76 -7.59
C ASP C 368 -4.32 -10.59 -7.65
N TRP C 369 -3.86 -10.25 -8.85
CA TRP C 369 -2.94 -9.11 -9.11
C TRP C 369 -3.77 -7.85 -9.36
N ALA C 370 -3.41 -6.74 -8.71
CA ALA C 370 -4.13 -5.44 -8.78
C ALA C 370 -3.58 -4.60 -9.93
N SER C 371 -3.98 -4.93 -11.17
CA SER C 371 -3.67 -4.19 -12.42
C SER C 371 -2.17 -4.18 -12.70
N LEU C 372 -1.39 -5.01 -12.01
CA LEU C 372 0.10 -5.03 -12.14
C LEU C 372 0.45 -5.63 -13.50
N PRO C 373 1.33 -4.97 -14.30
CA PRO C 373 1.67 -5.47 -15.64
C PRO C 373 2.28 -6.88 -15.59
N GLY C 374 2.20 -7.62 -16.70
CA GLY C 374 2.69 -9.00 -16.82
C GLY C 374 4.17 -9.05 -17.18
N VAL C 375 4.84 -10.15 -16.87
CA VAL C 375 6.27 -10.42 -17.22
C VAL C 375 6.29 -11.43 -18.37
N MET C 376 7.13 -11.18 -19.38
CA MET C 376 7.22 -12.01 -20.61
C MET C 376 8.07 -13.26 -20.34
N ALA C 377 7.59 -14.42 -20.76
CA ALA C 377 8.27 -15.73 -20.61
C ALA C 377 9.46 -15.80 -21.59
N VAL C 378 10.61 -16.27 -21.11
CA VAL C 378 11.84 -16.49 -21.93
C VAL C 378 12.14 -17.98 -21.95
N ALA C 379 12.18 -18.57 -23.14
CA ALA C 379 12.45 -20.01 -23.40
C ALA C 379 13.85 -20.16 -24.00
N SER C 380 14.79 -20.73 -23.24
CA SER C 380 16.21 -20.94 -23.65
C SER C 380 16.74 -22.24 -23.07
N GLY C 381 17.60 -22.94 -23.83
CA GLY C 381 18.31 -24.15 -23.40
C GLY C 381 18.04 -25.33 -24.31
N GLY C 382 18.81 -25.44 -25.41
CA GLY C 382 18.91 -26.66 -26.24
C GLY C 382 17.66 -26.91 -27.05
N ILE C 383 17.38 -26.04 -28.03
CA ILE C 383 16.23 -26.15 -28.97
C ILE C 383 16.73 -25.85 -30.39
N HIS C 384 16.19 -26.57 -31.37
CA HIS C 384 16.50 -26.44 -32.82
C HIS C 384 15.20 -26.16 -33.58
N VAL C 385 15.26 -26.17 -34.92
CA VAL C 385 14.16 -25.74 -35.83
C VAL C 385 13.02 -26.77 -35.88
N TRP C 386 13.18 -27.95 -35.25
CA TRP C 386 12.14 -29.01 -35.21
C TRP C 386 11.28 -28.90 -33.93
N HIS C 387 11.78 -28.27 -32.87
CA HIS C 387 11.01 -27.97 -31.64
C HIS C 387 10.14 -26.72 -31.85
N MET C 388 10.20 -26.14 -33.06
CA MET C 388 9.57 -24.84 -33.43
C MET C 388 8.04 -24.95 -33.37
N PRO C 389 7.40 -26.02 -33.89
CA PRO C 389 5.95 -26.17 -33.77
C PRO C 389 5.46 -26.34 -32.32
N ALA C 390 6.25 -27.00 -31.48
CA ALA C 390 5.90 -27.38 -30.09
C ALA C 390 5.86 -26.16 -29.16
N LEU C 391 6.72 -25.16 -29.38
CA LEU C 391 6.98 -24.05 -28.42
C LEU C 391 6.10 -22.82 -28.72
N VAL C 392 5.59 -22.65 -29.95
CA VAL C 392 4.68 -21.53 -30.32
C VAL C 392 3.28 -21.84 -29.77
N GLU C 393 2.88 -23.11 -29.75
CA GLU C 393 1.52 -23.56 -29.33
C GLU C 393 1.40 -23.51 -27.80
N ILE C 394 2.41 -24.00 -27.07
CA ILE C 394 2.35 -24.17 -25.58
C ILE C 394 2.52 -22.79 -24.90
N PHE C 395 3.59 -22.05 -25.23
CA PHE C 395 3.90 -20.73 -24.62
C PHE C 395 2.97 -19.65 -25.18
N GLY C 396 2.49 -19.83 -26.41
CA GLY C 396 1.55 -18.91 -27.08
C GLY C 396 2.29 -17.82 -27.84
N ASP C 397 1.86 -16.56 -27.69
CA ASP C 397 2.32 -15.40 -28.48
C ASP C 397 3.25 -14.51 -27.64
N ASP C 398 2.92 -14.30 -26.35
CA ASP C 398 3.67 -13.40 -25.44
C ASP C 398 4.78 -14.20 -24.74
N SER C 399 5.85 -14.50 -25.48
CA SER C 399 7.07 -15.20 -24.98
C SER C 399 8.25 -14.89 -25.91
N VAL C 400 9.47 -15.05 -25.40
CA VAL C 400 10.75 -14.88 -26.17
C VAL C 400 11.41 -16.25 -26.31
N LEU C 401 11.72 -16.64 -27.55
CA LEU C 401 12.37 -17.94 -27.89
C LEU C 401 13.84 -17.68 -28.21
N GLN C 402 14.74 -18.32 -27.45
CA GLN C 402 16.19 -18.02 -27.45
C GLN C 402 16.97 -19.29 -27.81
N PHE C 403 17.82 -19.19 -28.84
CA PHE C 403 18.62 -20.31 -29.41
C PHE C 403 20.11 -20.05 -29.13
N GLY C 404 20.66 -20.79 -28.17
CA GLY C 404 22.10 -20.75 -27.81
C GLY C 404 22.96 -21.44 -28.87
N GLY C 405 22.77 -22.74 -29.04
CA GLY C 405 23.58 -23.59 -29.94
C GLY C 405 22.99 -23.73 -31.33
N GLY C 406 21.72 -23.30 -31.51
CA GLY C 406 20.91 -23.60 -32.71
C GLY C 406 21.16 -22.67 -33.88
N THR C 407 21.78 -21.50 -33.66
CA THR C 407 21.98 -20.43 -34.68
C THR C 407 23.45 -20.42 -35.14
N LEU C 408 24.40 -20.33 -34.21
CA LEU C 408 25.87 -20.26 -34.49
C LEU C 408 26.34 -21.52 -35.21
N GLY C 409 25.86 -22.69 -34.79
CA GLY C 409 26.30 -24.00 -35.29
C GLY C 409 25.68 -24.38 -36.62
N HIS C 410 25.16 -23.42 -37.37
CA HIS C 410 24.63 -23.61 -38.75
C HIS C 410 25.81 -23.89 -39.69
N PRO C 411 25.65 -24.82 -40.66
CA PRO C 411 26.72 -25.13 -41.61
C PRO C 411 27.29 -23.92 -42.36
N TRP C 412 26.48 -22.88 -42.54
CA TRP C 412 26.72 -21.74 -43.46
C TRP C 412 27.10 -20.48 -42.68
N GLY C 413 26.99 -20.50 -41.35
CA GLY C 413 27.44 -19.41 -40.45
C GLY C 413 26.31 -18.83 -39.65
N ASN C 414 26.50 -17.60 -39.13
CA ASN C 414 25.58 -16.95 -38.16
C ASN C 414 24.40 -16.31 -38.90
N ALA C 415 24.66 -15.71 -40.08
CA ALA C 415 23.66 -14.94 -40.86
C ALA C 415 22.63 -15.89 -41.50
N PRO C 416 23.04 -17.01 -42.14
CA PRO C 416 22.08 -17.99 -42.65
C PRO C 416 21.35 -18.76 -41.54
N GLY C 417 22.03 -19.05 -40.42
CA GLY C 417 21.47 -19.73 -39.25
C GLY C 417 20.34 -18.96 -38.61
N ALA C 418 20.36 -17.63 -38.74
CA ALA C 418 19.35 -16.70 -38.18
C ALA C 418 18.10 -16.69 -39.08
N THR C 419 18.28 -16.56 -40.39
CA THR C 419 17.20 -16.54 -41.42
C THR C 419 16.47 -17.89 -41.41
N ALA C 420 17.18 -18.96 -41.05
CA ALA C 420 16.65 -20.33 -40.89
C ALA C 420 15.56 -20.35 -39.80
N ASN C 421 15.87 -19.83 -38.61
CA ASN C 421 14.98 -19.83 -37.43
C ASN C 421 13.87 -18.79 -37.60
N ARG C 422 14.13 -17.71 -38.35
CA ARG C 422 13.15 -16.61 -38.59
C ARG C 422 12.01 -17.13 -39.47
N VAL C 423 12.34 -17.77 -40.59
CA VAL C 423 11.36 -18.26 -41.61
C VAL C 423 10.52 -19.40 -41.00
N ALA C 424 11.11 -20.20 -40.11
CA ALA C 424 10.47 -21.37 -39.47
C ALA C 424 9.44 -20.92 -38.43
N LEU C 425 9.67 -19.80 -37.74
CA LEU C 425 8.70 -19.20 -36.77
C LEU C 425 7.52 -18.62 -37.54
N GLU C 426 7.80 -17.80 -38.56
CA GLU C 426 6.78 -17.04 -39.34
C GLU C 426 5.87 -18.02 -40.10
N ALA C 427 6.37 -19.21 -40.43
CA ALA C 427 5.61 -20.30 -41.10
C ALA C 427 4.55 -20.87 -40.15
N CYS C 428 4.92 -21.12 -38.89
CA CYS C 428 4.06 -21.72 -37.84
C CYS C 428 2.99 -20.71 -37.40
N VAL C 429 3.34 -19.42 -37.37
CA VAL C 429 2.44 -18.30 -36.94
C VAL C 429 1.38 -18.06 -38.02
N GLN C 430 1.73 -18.20 -39.30
CA GLN C 430 0.78 -18.06 -40.45
C GLN C 430 -0.16 -19.26 -40.46
N ALA C 431 0.37 -20.47 -40.27
CA ALA C 431 -0.38 -21.75 -40.27
C ALA C 431 -1.41 -21.77 -39.12
N ARG C 432 -1.05 -21.18 -37.98
CA ARG C 432 -1.86 -21.15 -36.73
C ARG C 432 -3.09 -20.24 -36.92
N ASN C 433 -2.92 -19.10 -37.59
CA ASN C 433 -3.98 -18.07 -37.80
C ASN C 433 -5.07 -18.63 -38.71
N GLU C 434 -4.67 -19.20 -39.86
CA GLU C 434 -5.56 -19.77 -40.89
C GLU C 434 -6.46 -20.84 -40.24
N GLY C 435 -5.90 -21.60 -39.29
CA GLY C 435 -6.63 -22.52 -38.40
C GLY C 435 -6.18 -23.97 -38.57
N ARG C 436 -4.87 -24.22 -38.45
CA ARG C 436 -4.26 -25.57 -38.50
C ARG C 436 -3.75 -25.95 -37.11
N ASN C 437 -3.96 -27.21 -36.72
CA ASN C 437 -3.40 -27.79 -35.48
C ASN C 437 -1.91 -28.08 -35.73
N LEU C 438 -1.03 -27.49 -34.92
CA LEU C 438 0.44 -27.54 -35.08
C LEU C 438 1.01 -28.77 -34.35
N ALA C 439 0.16 -29.53 -33.65
CA ALA C 439 0.48 -30.84 -33.04
C ALA C 439 0.41 -31.93 -34.10
N ARG C 440 -0.51 -31.77 -35.05
CA ARG C 440 -0.83 -32.74 -36.14
C ARG C 440 0.01 -32.44 -37.37
N GLU C 441 0.00 -31.17 -37.80
CA GLU C 441 0.64 -30.67 -39.04
C GLU C 441 1.93 -29.92 -38.68
N GLY C 442 2.59 -30.32 -37.59
CA GLY C 442 3.78 -29.66 -37.03
C GLY C 442 5.01 -29.91 -37.88
N ASN C 443 5.26 -31.17 -38.25
CA ASN C 443 6.39 -31.58 -39.12
C ASN C 443 6.10 -31.21 -40.58
N ASP C 444 4.83 -30.92 -40.91
CA ASP C 444 4.35 -30.67 -42.28
C ASP C 444 4.70 -29.23 -42.72
N VAL C 445 4.51 -28.23 -41.85
CA VAL C 445 4.68 -26.78 -42.20
C VAL C 445 6.18 -26.46 -42.34
N ILE C 446 7.05 -27.12 -41.56
CA ILE C 446 8.54 -26.92 -41.59
C ILE C 446 9.09 -27.41 -42.93
N ARG C 447 8.54 -28.52 -43.48
CA ARG C 447 9.05 -29.18 -44.71
C ARG C 447 8.55 -28.46 -45.98
N GLU C 448 7.35 -27.84 -45.95
CA GLU C 448 6.82 -27.02 -47.08
C GLU C 448 7.70 -25.78 -47.26
N ALA C 449 8.03 -25.12 -46.15
CA ALA C 449 8.84 -23.89 -46.08
C ALA C 449 10.27 -24.16 -46.57
N ALA C 450 10.74 -25.41 -46.42
CA ALA C 450 12.11 -25.87 -46.74
C ALA C 450 12.34 -25.92 -48.26
N LYS C 451 11.31 -25.65 -49.07
CA LYS C 451 11.29 -25.90 -50.53
C LYS C 451 11.78 -24.66 -51.29
N TRP C 452 11.39 -23.46 -50.84
CA TRP C 452 11.64 -22.17 -51.53
C TRP C 452 12.79 -21.38 -50.86
N SER C 453 13.23 -21.80 -49.67
CA SER C 453 14.36 -21.18 -48.92
C SER C 453 15.51 -22.17 -48.79
N PRO C 454 16.71 -21.84 -49.33
CA PRO C 454 17.87 -22.72 -49.28
C PRO C 454 18.46 -22.93 -47.87
N GLU C 455 18.34 -21.92 -47.01
CA GLU C 455 19.02 -21.85 -45.69
C GLU C 455 18.39 -22.86 -44.71
N LEU C 456 17.09 -23.14 -44.84
CA LEU C 456 16.35 -24.10 -43.97
C LEU C 456 16.55 -25.54 -44.45
N ALA C 457 16.89 -25.73 -45.74
CA ALA C 457 17.07 -27.06 -46.36
C ALA C 457 18.34 -27.74 -45.81
N VAL C 458 19.38 -26.95 -45.50
CA VAL C 458 20.70 -27.45 -45.00
C VAL C 458 20.63 -27.66 -43.48
N ALA C 459 19.71 -26.97 -42.79
CA ALA C 459 19.53 -27.03 -41.31
C ALA C 459 18.57 -28.17 -40.94
N CYS C 460 17.54 -28.43 -41.77
CA CYS C 460 16.60 -29.58 -41.64
C CYS C 460 17.39 -30.89 -41.72
N GLU C 461 18.43 -30.90 -42.57
CA GLU C 461 19.36 -32.03 -42.83
C GLU C 461 20.12 -32.40 -41.55
N LEU C 462 20.68 -31.38 -40.89
CA LEU C 462 21.75 -31.47 -39.86
C LEU C 462 21.15 -31.92 -38.52
N TRP C 463 20.36 -31.04 -37.88
CA TRP C 463 19.55 -31.37 -36.67
C TRP C 463 18.37 -32.22 -37.13
N LYS C 464 18.51 -33.54 -37.07
CA LYS C 464 17.44 -34.45 -37.56
C LYS C 464 16.38 -34.55 -36.45
N GLU C 465 15.99 -35.77 -36.07
CA GLU C 465 14.62 -36.07 -35.56
C GLU C 465 14.57 -35.81 -34.05
N MET D 1 -2.41 41.95 42.89
CA MET D 1 -1.44 41.22 42.01
C MET D 1 -0.42 40.47 42.88
N GLN D 2 0.05 39.32 42.39
CA GLN D 2 1.11 38.50 43.03
C GLN D 2 2.03 37.90 41.96
N THR D 3 3.32 37.82 42.26
CA THR D 3 4.36 37.19 41.39
C THR D 3 4.42 35.70 41.72
N LEU D 4 4.51 34.86 40.68
CA LEU D 4 4.50 33.37 40.77
C LEU D 4 5.87 32.88 41.21
N PRO D 5 6.00 32.16 42.36
CA PRO D 5 7.29 31.65 42.81
C PRO D 5 7.87 30.53 41.92
N LYS D 6 9.20 30.42 41.90
CA LYS D 6 9.96 29.41 41.11
C LYS D 6 9.88 28.06 41.81
N GLU D 7 9.31 27.05 41.16
CA GLU D 7 9.18 25.67 41.70
C GLU D 7 9.55 24.65 40.63
N ARG D 8 10.34 23.65 41.03
CA ARG D 8 10.67 22.45 40.21
C ARG D 8 9.50 21.46 40.30
N ARG D 9 8.85 21.20 39.16
CA ARG D 9 7.59 20.43 39.05
C ARG D 9 7.89 19.01 38.57
N TYR D 10 6.99 18.06 38.84
CA TYR D 10 7.20 16.60 38.68
C TYR D 10 6.01 15.96 37.94
N GLU D 11 5.91 16.19 36.64
CA GLU D 11 4.90 15.61 35.71
C GLU D 11 3.49 15.70 36.34
N THR D 12 2.70 14.63 36.29
CA THR D 12 1.24 14.64 36.55
C THR D 12 0.96 14.64 38.06
N LEU D 13 -0.04 15.42 38.49
CA LEU D 13 -0.49 15.60 39.89
C LEU D 13 0.66 16.13 40.76
N SER D 14 1.30 17.23 40.37
CA SER D 14 2.38 17.90 41.15
C SER D 14 1.96 19.32 41.56
N TYR D 15 0.98 19.93 40.88
CA TYR D 15 0.46 21.29 41.18
C TYR D 15 -0.62 21.22 42.27
N LEU D 16 -1.10 20.02 42.59
CA LEU D 16 -2.03 19.73 43.72
C LEU D 16 -1.20 19.47 44.98
N PRO D 17 -1.71 19.81 46.19
CA PRO D 17 -0.95 19.56 47.42
C PRO D 17 -0.54 18.10 47.61
N PRO D 18 0.64 17.82 48.20
CA PRO D 18 1.18 16.45 48.24
C PRO D 18 0.17 15.40 48.73
N LEU D 19 0.11 14.27 48.03
CA LEU D 19 -1.00 13.29 48.08
C LEU D 19 -0.96 12.51 49.40
N THR D 20 -2.13 12.38 50.04
CA THR D 20 -2.38 11.53 51.23
C THR D 20 -2.42 10.06 50.76
N ASP D 21 -2.15 9.12 51.66
CA ASP D 21 -2.04 7.66 51.35
C ASP D 21 -3.42 7.10 50.95
N VAL D 22 -4.50 7.82 51.24
CA VAL D 22 -5.88 7.44 50.83
C VAL D 22 -6.09 7.87 49.37
N GLN D 23 -5.63 9.07 49.01
CA GLN D 23 -5.69 9.61 47.61
C GLN D 23 -4.86 8.72 46.69
N ILE D 24 -3.77 8.14 47.21
CA ILE D 24 -2.88 7.17 46.51
C ILE D 24 -3.68 5.90 46.18
N GLU D 25 -4.49 5.42 47.14
CA GLU D 25 -5.23 4.13 47.05
C GLU D 25 -6.35 4.24 46.01
N LYS D 26 -6.97 5.41 45.85
CA LYS D 26 -8.10 5.66 44.93
C LYS D 26 -7.61 5.68 43.47
N GLN D 27 -6.41 6.23 43.24
CA GLN D 27 -5.84 6.42 41.88
C GLN D 27 -5.31 5.08 41.34
N VAL D 28 -4.83 4.19 42.22
CA VAL D 28 -4.38 2.81 41.86
C VAL D 28 -5.61 1.91 41.71
N GLN D 29 -6.67 2.16 42.48
CA GLN D 29 -7.97 1.47 42.36
C GLN D 29 -8.50 1.68 40.94
N TYR D 30 -8.30 2.88 40.38
CA TYR D 30 -8.72 3.28 39.01
C TYR D 30 -7.92 2.48 37.96
N ILE D 31 -6.64 2.19 38.23
CA ILE D 31 -5.75 1.41 37.31
C ILE D 31 -6.27 -0.02 37.20
N LEU D 32 -6.52 -0.68 38.34
CA LEU D 32 -6.97 -2.10 38.41
C LEU D 32 -8.40 -2.22 37.90
N SER D 33 -9.23 -1.18 38.07
CA SER D 33 -10.66 -1.15 37.66
C SER D 33 -10.78 -1.13 36.13
N GLN D 34 -9.91 -0.38 35.45
CA GLN D 34 -9.90 -0.26 33.96
C GLN D 34 -9.25 -1.51 33.35
N GLY D 35 -8.42 -2.22 34.12
CA GLY D 35 -7.81 -3.51 33.73
C GLY D 35 -6.35 -3.37 33.31
N TYR D 36 -5.73 -2.22 33.60
CA TYR D 36 -4.29 -1.94 33.29
C TYR D 36 -3.40 -2.59 34.34
N ILE D 37 -2.10 -2.61 34.08
CA ILE D 37 -1.06 -3.36 34.85
C ILE D 37 -0.23 -2.35 35.65
N PRO D 38 -0.45 -2.20 36.98
CA PRO D 38 0.30 -1.24 37.78
C PRO D 38 1.68 -1.77 38.19
N ALA D 39 2.68 -0.89 38.21
CA ALA D 39 4.11 -1.20 38.50
C ALA D 39 4.77 -0.03 39.25
N VAL D 40 5.93 -0.29 39.86
CA VAL D 40 6.69 0.68 40.69
C VAL D 40 8.05 0.92 40.02
N GLU D 41 8.45 2.20 39.92
CA GLU D 41 9.73 2.66 39.31
C GLU D 41 10.42 3.60 40.30
N PHE D 42 11.76 3.56 40.34
CA PHE D 42 12.59 4.46 41.18
C PHE D 42 13.76 4.99 40.34
N ASN D 43 14.24 6.18 40.72
CA ASN D 43 15.45 6.82 40.13
C ASN D 43 16.08 7.71 41.20
N GLU D 44 17.37 7.98 41.05
CA GLU D 44 18.18 8.77 42.02
C GLU D 44 17.88 10.26 41.83
N VAL D 45 17.91 10.73 40.58
CA VAL D 45 17.74 12.18 40.22
C VAL D 45 16.61 12.32 39.21
N SER D 46 15.90 13.46 39.26
CA SER D 46 14.70 13.80 38.44
C SER D 46 15.05 14.93 37.48
N GLU D 47 15.04 14.65 36.17
CA GLU D 47 15.46 15.59 35.09
C GLU D 47 14.56 15.41 33.87
N PRO D 48 14.31 16.47 33.07
CA PRO D 48 13.47 16.35 31.88
C PRO D 48 14.05 15.53 30.70
N THR D 49 15.36 15.28 30.69
CA THR D 49 16.09 14.66 29.53
C THR D 49 16.02 13.13 29.61
N GLU D 50 16.22 12.52 30.79
CA GLU D 50 16.20 11.04 30.95
C GLU D 50 14.74 10.56 31.02
N LEU D 51 14.43 9.49 30.28
CA LEU D 51 13.04 8.98 30.07
C LEU D 51 12.93 7.51 30.49
N TYR D 52 13.97 6.94 31.12
CA TYR D 52 13.95 5.58 31.72
C TYR D 52 14.50 5.62 33.15
N TRP D 53 13.65 5.23 34.09
CA TRP D 53 13.95 5.06 35.54
C TRP D 53 14.24 3.58 35.79
N THR D 54 14.87 3.25 36.93
CA THR D 54 15.18 1.85 37.33
C THR D 54 13.90 1.18 37.81
N LEU D 55 13.51 0.06 37.18
CA LEU D 55 12.24 -0.66 37.48
C LEU D 55 12.39 -1.41 38.80
N TRP D 56 11.38 -1.32 39.66
CA TRP D 56 11.30 -2.04 40.96
C TRP D 56 10.63 -3.41 40.73
N LYS D 57 11.38 -4.49 40.94
CA LYS D 57 10.92 -5.90 40.77
C LYS D 57 10.37 -6.09 39.36
N LEU D 58 9.15 -6.61 39.23
CA LEU D 58 8.40 -6.80 37.97
C LEU D 58 7.11 -5.98 38.03
N PRO D 59 6.53 -5.64 36.86
CA PRO D 59 5.10 -5.32 36.78
C PRO D 59 4.27 -6.42 37.46
N LEU D 60 3.45 -6.05 38.44
CA LEU D 60 2.59 -6.98 39.22
C LEU D 60 1.42 -7.42 38.34
N PHE D 61 1.63 -8.47 37.55
CA PHE D 61 0.65 -8.99 36.54
C PHE D 61 -0.59 -9.54 37.25
N GLY D 62 -0.39 -10.19 38.40
CA GLY D 62 -1.47 -10.70 39.28
C GLY D 62 -1.75 -9.76 40.43
N ALA D 63 -2.56 -8.73 40.20
CA ALA D 63 -2.98 -7.71 41.18
C ALA D 63 -4.51 -7.67 41.25
N LYS D 64 -5.08 -8.15 42.36
CA LYS D 64 -6.55 -8.23 42.61
C LYS D 64 -7.03 -6.96 43.31
N THR D 65 -6.31 -6.51 44.34
CA THR D 65 -6.69 -5.37 45.22
C THR D 65 -5.58 -4.30 45.18
N SER D 66 -5.92 -3.08 45.60
CA SER D 66 -5.06 -1.87 45.53
C SER D 66 -4.08 -1.80 46.71
N ARG D 67 -4.21 -2.71 47.68
CA ARG D 67 -3.37 -2.73 48.92
C ARG D 67 -2.03 -3.44 48.64
N GLU D 68 -2.00 -4.38 47.69
CA GLU D 68 -0.79 -5.15 47.31
C GLU D 68 0.22 -4.23 46.62
N VAL D 69 -0.25 -3.16 45.95
CA VAL D 69 0.60 -2.15 45.26
C VAL D 69 1.14 -1.16 46.29
N LEU D 70 0.36 -0.85 47.33
CA LEU D 70 0.73 0.07 48.45
C LEU D 70 1.86 -0.54 49.28
N ALA D 71 1.84 -1.87 49.48
CA ALA D 71 2.85 -2.62 50.28
C ALA D 71 4.18 -2.70 49.51
N GLU D 72 4.12 -2.77 48.18
CA GLU D 72 5.30 -2.72 47.27
C GLU D 72 5.91 -1.30 47.30
N VAL D 73 5.08 -0.28 47.52
CA VAL D 73 5.47 1.16 47.56
C VAL D 73 6.30 1.43 48.83
N GLN D 74 5.88 0.87 49.98
CA GLN D 74 6.46 1.16 51.32
C GLN D 74 7.80 0.42 51.49
N SER D 75 7.94 -0.78 50.91
CA SER D 75 9.16 -1.62 50.98
C SER D 75 10.29 -0.99 50.15
N CYS D 76 9.95 -0.27 49.08
CA CYS D 76 10.92 0.49 48.22
C CYS D 76 11.30 1.80 48.89
N ARG D 77 10.31 2.51 49.45
CA ARG D 77 10.49 3.75 50.25
C ARG D 77 11.46 3.46 51.40
N SER D 78 11.35 2.28 52.03
CA SER D 78 12.20 1.82 53.15
C SER D 78 13.62 1.51 52.64
N GLN D 79 13.74 0.87 51.47
CA GLN D 79 15.03 0.43 50.88
C GLN D 79 15.81 1.65 50.37
N TYR D 80 15.15 2.54 49.63
CA TYR D 80 15.74 3.79 49.07
C TYR D 80 14.98 5.00 49.59
N PRO D 81 15.42 5.61 50.71
CA PRO D 81 14.83 6.85 51.21
C PRO D 81 15.21 8.06 50.36
N GLY D 82 16.45 8.06 49.85
CA GLY D 82 17.04 9.17 49.07
C GLY D 82 16.86 8.99 47.57
N HIS D 83 15.77 8.35 47.16
CA HIS D 83 15.39 8.13 45.73
C HIS D 83 14.03 8.76 45.45
N TYR D 84 13.83 9.22 44.21
CA TYR D 84 12.52 9.53 43.61
C TYR D 84 11.86 8.22 43.20
N ILE D 85 10.57 8.05 43.52
CA ILE D 85 9.77 6.82 43.25
C ILE D 85 8.43 7.27 42.62
N ARG D 86 8.00 6.59 41.55
CA ARG D 86 6.71 6.87 40.87
C ARG D 86 6.06 5.54 40.47
N VAL D 87 4.72 5.53 40.43
CA VAL D 87 3.89 4.34 40.07
C VAL D 87 3.24 4.60 38.69
N VAL D 88 3.40 3.67 37.76
CA VAL D 88 2.91 3.76 36.36
C VAL D 88 1.90 2.63 36.12
N GLY D 89 1.16 2.71 35.01
CA GLY D 89 0.13 1.72 34.61
C GLY D 89 0.23 1.37 33.14
N PHE D 90 0.77 0.18 32.83
CA PHE D 90 0.87 -0.36 31.45
C PHE D 90 -0.51 -0.85 30.99
N ASP D 91 -0.90 -0.49 29.76
CA ASP D 91 -2.02 -1.10 29.01
C ASP D 91 -1.43 -2.11 28.02
N ASN D 92 -2.17 -3.17 27.70
CA ASN D 92 -1.68 -4.30 26.87
C ASN D 92 -2.36 -4.31 25.49
N ILE D 93 -3.39 -3.48 25.26
CA ILE D 93 -4.11 -3.43 23.95
C ILE D 93 -3.55 -2.28 23.10
N LYS D 94 -3.32 -1.09 23.68
CA LYS D 94 -2.91 0.14 22.93
C LYS D 94 -1.38 0.35 23.01
N GLN D 95 -0.65 -0.46 23.80
CA GLN D 95 0.83 -0.42 23.94
C GLN D 95 1.26 1.02 24.26
N CYS D 96 0.94 1.48 25.48
CA CYS D 96 1.25 2.86 25.98
C CYS D 96 0.92 2.94 27.47
N GLN D 97 1.63 3.82 28.21
CA GLN D 97 1.37 4.13 29.63
C GLN D 97 0.20 5.12 29.73
N ILE D 98 -0.76 4.85 30.62
CA ILE D 98 -1.98 5.68 30.81
C ILE D 98 -1.69 6.77 31.87
N LEU D 99 -1.01 6.39 32.95
CA LEU D 99 -0.83 7.23 34.17
C LEU D 99 0.62 7.16 34.65
N SER D 100 1.18 8.29 35.08
CA SER D 100 2.56 8.43 35.60
C SER D 100 2.62 9.57 36.63
N PHE D 101 2.67 9.25 37.92
CA PHE D 101 2.69 10.24 39.03
C PHE D 101 3.67 9.81 40.14
N ILE D 102 4.30 10.80 40.78
CA ILE D 102 5.46 10.68 41.70
C ILE D 102 4.95 10.72 43.14
N VAL D 103 5.33 9.73 43.96
CA VAL D 103 4.73 9.43 45.30
C VAL D 103 5.70 9.83 46.42
N HIS D 104 7.00 9.53 46.28
CA HIS D 104 8.03 9.80 47.32
C HIS D 104 9.17 10.63 46.73
N LYS D 105 9.58 11.68 47.46
CA LYS D 105 10.74 12.55 47.13
C LYS D 105 11.88 12.21 48.09
N PRO D 106 13.16 12.32 47.66
CA PRO D 106 14.30 11.98 48.52
C PRO D 106 14.36 12.82 49.81
N MET E 1 28.25 -23.90 -48.71
CA MET E 1 28.10 -22.62 -47.97
C MET E 1 27.57 -21.53 -48.90
N GLN E 2 26.77 -20.61 -48.36
CA GLN E 2 26.22 -19.42 -49.08
C GLN E 2 26.23 -18.21 -48.15
N THR E 3 26.57 -17.04 -48.69
CA THR E 3 26.53 -15.73 -47.99
C THR E 3 25.10 -15.16 -48.09
N LEU E 4 24.60 -14.58 -47.00
CA LEU E 4 23.21 -14.06 -46.87
C LEU E 4 23.11 -12.69 -47.53
N PRO E 5 22.25 -12.49 -48.55
CA PRO E 5 22.10 -11.17 -49.19
C PRO E 5 21.45 -10.12 -48.28
N LYS E 6 21.78 -8.85 -48.51
CA LYS E 6 21.27 -7.67 -47.74
C LYS E 6 19.86 -7.35 -48.22
N GLU E 7 18.87 -7.43 -47.31
CA GLU E 7 17.45 -7.13 -47.61
C GLU E 7 16.87 -6.25 -46.51
N ARG E 8 16.11 -5.22 -46.93
CA ARG E 8 15.30 -4.35 -46.03
C ARG E 8 13.99 -5.08 -45.72
N ARG E 9 13.78 -5.40 -44.45
CA ARG E 9 12.67 -6.28 -43.97
C ARG E 9 11.57 -5.41 -43.33
N TYR E 10 10.34 -5.94 -43.27
CA TYR E 10 9.10 -5.18 -42.93
C TYR E 10 8.28 -5.94 -41.88
N GLU E 11 8.75 -5.91 -40.62
CA GLU E 11 8.08 -6.51 -39.42
C GLU E 11 7.56 -7.92 -39.74
N THR E 12 6.33 -8.25 -39.32
CA THR E 12 5.81 -9.65 -39.27
C THR E 12 5.36 -10.08 -40.68
N LEU E 13 5.67 -11.35 -41.02
CA LEU E 13 5.36 -12.00 -42.33
C LEU E 13 6.04 -11.25 -43.48
N SER E 14 7.36 -11.03 -43.42
CA SER E 14 8.16 -10.41 -44.50
C SER E 14 9.27 -11.36 -44.99
N TYR E 15 9.62 -12.40 -44.21
CA TYR E 15 10.62 -13.43 -44.58
C TYR E 15 9.96 -14.54 -45.42
N LEU E 16 8.63 -14.57 -45.46
CA LEU E 16 7.82 -15.48 -46.31
C LEU E 16 7.58 -14.79 -47.66
N PRO E 17 7.45 -15.54 -48.79
CA PRO E 17 7.23 -14.92 -50.10
C PRO E 17 5.99 -14.03 -50.16
N PRO E 18 5.99 -12.93 -50.94
CA PRO E 18 4.92 -11.94 -50.91
C PRO E 18 3.52 -12.56 -51.00
N LEU E 19 2.62 -12.12 -50.12
CA LEU E 19 1.35 -12.81 -49.79
C LEU E 19 0.35 -12.68 -50.95
N THR E 20 -0.32 -13.79 -51.28
CA THR E 20 -1.44 -13.87 -52.24
C THR E 20 -2.70 -13.32 -51.56
N ASP E 21 -3.66 -12.81 -52.34
CA ASP E 21 -4.89 -12.15 -51.84
C ASP E 21 -5.79 -13.16 -51.12
N VAL E 22 -5.54 -14.47 -51.26
CA VAL E 22 -6.25 -15.55 -50.53
C VAL E 22 -5.61 -15.69 -49.15
N GLN E 23 -4.27 -15.71 -49.07
CA GLN E 23 -3.50 -15.76 -47.79
C GLN E 23 -3.84 -14.52 -46.95
N ILE E 24 -4.09 -13.38 -47.61
CA ILE E 24 -4.55 -12.10 -47.00
C ILE E 24 -5.90 -12.32 -46.31
N GLU E 25 -6.82 -13.02 -46.98
CA GLU E 25 -8.23 -13.23 -46.55
C GLU E 25 -8.28 -14.13 -45.31
N LYS E 26 -7.36 -15.11 -45.20
CA LYS E 26 -7.32 -16.10 -44.10
C LYS E 26 -6.82 -15.45 -42.80
N GLN E 27 -5.92 -14.48 -42.91
CA GLN E 27 -5.25 -13.81 -41.75
C GLN E 27 -6.20 -12.78 -41.13
N VAL E 28 -7.07 -12.14 -41.94
CA VAL E 28 -8.10 -11.18 -41.45
C VAL E 28 -9.30 -11.97 -40.93
N GLN E 29 -9.58 -13.15 -41.50
CA GLN E 29 -10.62 -14.09 -41.00
C GLN E 29 -10.30 -14.46 -39.55
N TYR E 30 -9.01 -14.63 -39.22
CA TYR E 30 -8.50 -14.94 -37.86
C TYR E 30 -8.74 -13.74 -36.92
N ILE E 31 -8.67 -12.51 -37.44
CA ILE E 31 -8.88 -11.25 -36.65
C ILE E 31 -10.35 -11.19 -36.22
N LEU E 32 -11.29 -11.37 -37.15
CA LEU E 32 -12.75 -11.26 -36.90
C LEU E 32 -13.24 -12.47 -36.09
N SER E 33 -12.55 -13.61 -36.17
CA SER E 33 -12.93 -14.88 -35.49
C SER E 33 -12.63 -14.78 -33.98
N GLN E 34 -11.48 -14.20 -33.61
CA GLN E 34 -11.05 -14.04 -32.20
C GLN E 34 -11.84 -12.88 -31.55
N GLY E 35 -12.40 -11.98 -32.35
CA GLY E 35 -13.29 -10.90 -31.91
C GLY E 35 -12.61 -9.54 -31.84
N TYR E 36 -11.40 -9.43 -32.42
CA TYR E 36 -10.61 -8.16 -32.47
C TYR E 36 -11.12 -7.29 -33.62
N ILE E 37 -10.66 -6.03 -33.65
CA ILE E 37 -11.18 -4.95 -34.55
C ILE E 37 -10.14 -4.66 -35.64
N PRO E 38 -10.36 -5.09 -36.91
CA PRO E 38 -9.37 -4.88 -37.96
C PRO E 38 -9.45 -3.46 -38.55
N ALA E 39 -8.29 -2.88 -38.90
CA ALA E 39 -8.15 -1.49 -39.38
C ALA E 39 -7.01 -1.41 -40.42
N VAL E 40 -7.02 -0.34 -41.23
CA VAL E 40 -6.06 -0.10 -42.34
C VAL E 40 -5.22 1.14 -42.01
N GLU E 41 -3.90 1.05 -42.22
CA GLU E 41 -2.91 2.13 -41.96
C GLU E 41 -2.01 2.29 -43.18
N PHE E 42 -1.67 3.53 -43.54
CA PHE E 42 -0.75 3.85 -44.64
C PHE E 42 0.30 4.87 -44.18
N ASN E 43 1.48 4.80 -44.78
CA ASN E 43 2.61 5.74 -44.54
C ASN E 43 3.41 5.86 -45.84
N GLU E 44 4.12 6.98 -46.00
CA GLU E 44 4.89 7.30 -47.23
C GLU E 44 6.21 6.53 -47.22
N VAL E 45 6.93 6.55 -46.09
CA VAL E 45 8.27 5.91 -45.93
C VAL E 45 8.24 4.97 -44.73
N SER E 46 9.00 3.88 -44.80
CA SER E 46 9.07 2.78 -43.81
C SER E 46 10.44 2.81 -43.11
N GLU E 47 10.46 3.09 -41.80
CA GLU E 47 11.68 3.29 -40.98
C GLU E 47 11.46 2.70 -39.58
N PRO E 48 12.51 2.20 -38.91
CA PRO E 48 12.38 1.63 -37.56
C PRO E 48 12.07 2.65 -36.45
N THR E 49 12.37 3.94 -36.65
CA THR E 49 12.30 5.00 -35.61
C THR E 49 10.85 5.48 -35.43
N GLU E 50 10.10 5.69 -36.53
CA GLU E 50 8.70 6.20 -36.47
C GLU E 50 7.74 5.05 -36.16
N LEU E 51 6.80 5.28 -35.25
CA LEU E 51 5.88 4.24 -34.68
C LEU E 51 4.41 4.65 -34.83
N TYR E 52 4.11 5.74 -35.55
CA TYR E 52 2.73 6.14 -35.92
C TYR E 52 2.64 6.40 -37.42
N TRP E 53 1.84 5.57 -38.09
CA TRP E 53 1.46 5.69 -39.53
C TRP E 53 0.15 6.47 -39.62
N THR E 54 -0.18 7.00 -40.80
CA THR E 54 -1.45 7.75 -41.05
C THR E 54 -2.60 6.74 -41.15
N LEU E 55 -3.63 6.91 -40.31
CA LEU E 55 -4.78 5.98 -40.22
C LEU E 55 -5.71 6.20 -41.41
N TRP E 56 -6.13 5.09 -42.05
CA TRP E 56 -7.09 5.10 -43.18
C TRP E 56 -8.52 5.02 -42.64
N LYS E 57 -9.32 6.07 -42.83
CA LYS E 57 -10.73 6.19 -42.38
C LYS E 57 -10.78 5.96 -40.85
N LEU E 58 -11.67 5.07 -40.40
CA LEU E 58 -11.83 4.64 -39.00
C LEU E 58 -11.54 3.14 -38.91
N PRO E 59 -11.14 2.63 -37.71
CA PRO E 59 -11.28 1.21 -37.40
C PRO E 59 -12.71 0.74 -37.68
N LEU E 60 -12.85 -0.34 -38.46
CA LEU E 60 -14.16 -0.89 -38.88
C LEU E 60 -14.76 -1.70 -37.73
N PHE E 61 -15.48 -1.01 -36.83
CA PHE E 61 -16.07 -1.58 -35.58
C PHE E 61 -17.14 -2.62 -35.95
N GLY E 62 -17.93 -2.33 -36.98
CA GLY E 62 -18.96 -3.24 -37.52
C GLY E 62 -18.44 -4.01 -38.74
N ALA E 63 -17.67 -5.07 -38.49
CA ALA E 63 -17.08 -5.96 -39.52
C ALA E 63 -17.58 -7.39 -39.29
N LYS E 64 -18.45 -7.89 -40.18
CA LYS E 64 -19.07 -9.24 -40.11
C LYS E 64 -18.21 -10.24 -40.89
N THR E 65 -17.83 -9.88 -42.13
CA THR E 65 -17.09 -10.75 -43.08
C THR E 65 -15.73 -10.12 -43.42
N SER E 66 -14.78 -10.96 -43.86
CA SER E 66 -13.37 -10.60 -44.16
C SER E 66 -13.26 -9.88 -45.52
N ARG E 67 -14.32 -9.91 -46.33
CA ARG E 67 -14.35 -9.31 -47.69
C ARG E 67 -14.47 -7.78 -47.59
N GLU E 68 -15.16 -7.27 -46.56
CA GLU E 68 -15.37 -5.83 -46.32
C GLU E 68 -14.04 -5.15 -45.98
N VAL E 69 -13.09 -5.88 -45.39
CA VAL E 69 -11.73 -5.36 -45.04
C VAL E 69 -10.85 -5.38 -46.29
N LEU E 70 -11.08 -6.31 -47.23
CA LEU E 70 -10.34 -6.44 -48.51
C LEU E 70 -10.69 -5.28 -49.46
N ALA E 71 -11.95 -4.84 -49.47
CA ALA E 71 -12.47 -3.76 -50.35
C ALA E 71 -11.92 -2.41 -49.88
N GLU E 72 -11.71 -2.25 -48.57
CA GLU E 72 -11.07 -1.04 -47.96
C GLU E 72 -9.58 -1.02 -48.32
N VAL E 73 -8.97 -2.20 -48.51
CA VAL E 73 -7.52 -2.38 -48.85
C VAL E 73 -7.28 -1.89 -50.29
N GLN E 74 -8.15 -2.25 -51.23
CA GLN E 74 -7.97 -2.01 -52.68
C GLN E 74 -8.26 -0.53 -53.02
N SER E 75 -9.13 0.13 -52.24
CA SER E 75 -9.54 1.54 -52.44
C SER E 75 -8.42 2.49 -51.98
N CYS E 76 -7.64 2.10 -50.95
CA CYS E 76 -6.45 2.83 -50.46
C CYS E 76 -5.26 2.56 -51.38
N ARG E 77 -5.12 1.32 -51.87
CA ARG E 77 -4.10 0.90 -52.86
C ARG E 77 -4.28 1.73 -54.14
N SER E 78 -5.52 2.01 -54.53
CA SER E 78 -5.89 2.82 -55.72
C SER E 78 -5.59 4.31 -55.48
N GLN E 79 -5.87 4.80 -54.26
CA GLN E 79 -5.71 6.23 -53.89
C GLN E 79 -4.22 6.58 -53.76
N TYR E 80 -3.45 5.73 -53.06
CA TYR E 80 -2.00 5.91 -52.83
C TYR E 80 -1.24 4.68 -53.35
N PRO E 81 -0.76 4.70 -54.61
CA PRO E 81 0.06 3.61 -55.15
C PRO E 81 1.49 3.62 -54.61
N GLY E 82 2.04 4.83 -54.36
CA GLY E 82 3.42 5.04 -53.91
C GLY E 82 3.51 5.22 -52.40
N HIS E 83 2.63 4.53 -51.66
CA HIS E 83 2.62 4.50 -50.17
C HIS E 83 2.81 3.07 -49.67
N TYR E 84 3.39 2.93 -48.47
CA TYR E 84 3.38 1.68 -47.66
C TYR E 84 2.05 1.61 -46.90
N ILE E 85 1.39 0.45 -46.96
CA ILE E 85 0.07 0.19 -46.31
C ILE E 85 0.19 -1.11 -45.50
N ARG E 86 -0.39 -1.14 -44.30
CA ARG E 86 -0.45 -2.35 -43.44
C ARG E 86 -1.80 -2.40 -42.72
N VAL E 87 -2.25 -3.61 -42.39
CA VAL E 87 -3.54 -3.88 -41.67
C VAL E 87 -3.20 -4.35 -40.26
N VAL E 88 -3.83 -3.74 -39.26
CA VAL E 88 -3.61 -4.02 -37.80
C VAL E 88 -4.93 -4.51 -37.20
N GLY E 89 -4.85 -5.12 -36.00
CA GLY E 89 -6.00 -5.66 -35.26
C GLY E 89 -5.95 -5.24 -33.80
N PHE E 90 -6.77 -4.25 -33.42
CA PHE E 90 -6.90 -3.77 -32.01
C PHE E 90 -7.73 -4.77 -31.20
N ASP E 91 -7.26 -5.09 -29.99
CA ASP E 91 -8.06 -5.80 -28.95
C ASP E 91 -8.57 -4.75 -27.97
N ASN E 92 -9.76 -4.98 -27.39
CA ASN E 92 -10.48 -4.01 -26.53
C ASN E 92 -10.35 -4.40 -25.05
N ILE E 93 -10.03 -5.66 -24.72
CA ILE E 93 -9.93 -6.14 -23.31
C ILE E 93 -8.50 -5.92 -22.78
N LYS E 94 -7.46 -6.19 -23.58
CA LYS E 94 -6.04 -6.15 -23.14
C LYS E 94 -5.37 -4.84 -23.56
N GLN E 95 -6.03 -3.99 -24.36
CA GLN E 95 -5.54 -2.66 -24.82
C GLN E 95 -4.14 -2.83 -25.43
N CYS E 96 -4.07 -3.49 -26.59
CA CYS E 96 -2.81 -3.78 -27.33
C CYS E 96 -3.15 -4.34 -28.73
N GLN E 97 -2.26 -4.11 -29.69
CA GLN E 97 -2.36 -4.67 -31.08
C GLN E 97 -1.86 -6.12 -31.06
N ILE E 98 -2.62 -7.03 -31.66
CA ILE E 98 -2.32 -8.49 -31.73
C ILE E 98 -1.46 -8.77 -32.97
N LEU E 99 -1.80 -8.13 -34.10
CA LEU E 99 -1.24 -8.45 -35.43
C LEU E 99 -0.91 -7.15 -36.18
N SER E 100 0.20 -7.14 -36.93
CA SER E 100 0.69 -6.00 -37.74
C SER E 100 1.56 -6.52 -38.90
N PHE E 101 1.02 -6.52 -40.13
CA PHE E 101 1.72 -7.02 -41.34
C PHE E 101 1.40 -6.13 -42.56
N ILE E 102 2.38 -6.05 -43.47
CA ILE E 102 2.47 -5.06 -44.59
C ILE E 102 2.03 -5.75 -45.90
N VAL E 103 1.09 -5.14 -46.62
CA VAL E 103 0.33 -5.78 -47.74
C VAL E 103 0.77 -5.20 -49.11
N HIS E 104 0.96 -3.89 -49.22
CA HIS E 104 1.34 -3.19 -50.47
C HIS E 104 2.60 -2.34 -50.26
N LYS E 105 3.54 -2.42 -51.22
CA LYS E 105 4.80 -1.64 -51.25
C LYS E 105 4.69 -0.61 -52.38
N PRO E 106 5.29 0.59 -52.25
CA PRO E 106 5.15 1.65 -53.25
C PRO E 106 5.62 1.22 -54.65
#